data_4JN5
#
_entry.id   4JN5
#
_cell.length_a   62.130
_cell.length_b   82.438
_cell.length_c   87.732
_cell.angle_alpha   90.00
_cell.angle_beta   106.34
_cell.angle_gamma   90.00
#
_symmetry.space_group_name_H-M   'P 1 21 1'
#
loop_
_entity.id
_entity.type
_entity.pdbx_description
1 polymer 'CDA peptide synthetase I'
2 water water
#
_entity_poly.entity_id   1
_entity_poly.type   'polypeptide(L)'
_entity_poly.pdbx_seq_one_letter_code
;GMSENSSVRHGLTSAQHEVWLAQQLDPRGAHYRTGSCLEIDGPLDHAVLSRALRLTVAGTETLCSRFLTDEEGRPYRAYC
PPAPEGSAAVEDPDGVPYTPVLLRHIDLSGHEDPEGEAQRWMDRDRATPLPLDRPGLSSHALFTLGGGRHLYYLGVHHIV
IDGTSMALFYERLAEVYRALRDGRAVPAAAFGDTDRMVAGEEAYRASARYERDRAYWTGLFTDRPEPVSLTGRGGGRALA
PTVRSLGLPPERTEVLGRAAEATGAHWARVVIAGVAAFLHRTTGARDVVVSVPVTGRYGANARITPGMVSNRLPLRLAVR
PGESFARVVETVSEAMSGLLAHSRFRGEDLDRELGGAGVSGPTVNVMPYIRPVDFGGPVGLMRSISSGPTTDLNIVLTGT
PESGLRVDFEGNPQVYGGQDLTVLQERFVRFLAELAADPAATVDEVALLT
;
_entity_poly.pdbx_strand_id   A,B
#
# COMPACT_ATOMS: atom_id res chain seq x y z
N ASN A 5 10.18 15.70 -42.10
CA ASN A 5 9.74 15.14 -40.82
C ASN A 5 10.66 15.59 -39.68
N SER A 6 11.90 15.94 -40.03
CA SER A 6 12.84 16.48 -39.07
C SER A 6 12.76 18.00 -39.10
N SER A 7 11.99 18.52 -40.04
CA SER A 7 11.81 19.96 -40.18
C SER A 7 10.64 20.45 -39.32
N VAL A 8 9.68 19.56 -39.07
CA VAL A 8 8.51 19.89 -38.26
C VAL A 8 8.93 20.43 -36.89
N ARG A 9 8.46 21.64 -36.58
CA ARG A 9 8.74 22.26 -35.29
C ARG A 9 7.63 21.94 -34.29
N HIS A 10 7.98 21.22 -33.24
CA HIS A 10 7.00 20.81 -32.23
C HIS A 10 6.93 21.80 -31.07
N GLY A 11 5.73 22.00 -30.55
CA GLY A 11 5.53 22.88 -29.41
C GLY A 11 5.95 22.24 -28.10
N LEU A 12 6.40 23.06 -27.17
CA LEU A 12 6.77 22.57 -25.84
C LEU A 12 5.55 22.54 -24.92
N THR A 13 5.62 21.70 -23.89
CA THR A 13 4.61 21.70 -22.86
C THR A 13 4.88 22.86 -21.91
N SER A 14 3.91 23.18 -21.06
CA SER A 14 4.10 24.23 -20.07
C SER A 14 5.32 23.95 -19.21
N ALA A 15 5.46 22.69 -18.80
CA ALA A 15 6.58 22.26 -17.97
C ALA A 15 7.91 22.41 -18.72
N GLN A 16 7.88 22.13 -20.01
CA GLN A 16 9.08 22.24 -20.84
C GLN A 16 9.47 23.70 -21.06
N HIS A 17 8.48 24.56 -21.23
CA HIS A 17 8.73 25.99 -21.35
C HIS A 17 9.41 26.52 -20.08
N GLU A 18 8.91 26.10 -18.92
CA GLU A 18 9.48 26.49 -17.64
C GLU A 18 10.96 26.13 -17.58
N VAL A 19 11.27 24.89 -17.91
CA VAL A 19 12.65 24.41 -17.88
C VAL A 19 13.52 25.17 -18.87
N TRP A 20 12.99 25.42 -20.05
CA TRP A 20 13.70 26.16 -21.08
C TRP A 20 14.09 27.56 -20.58
N LEU A 21 13.10 28.31 -20.10
CA LEU A 21 13.34 29.67 -19.65
C LEU A 21 14.31 29.74 -18.48
N ALA A 22 14.20 28.78 -17.56
CA ALA A 22 15.09 28.72 -16.41
C ALA A 22 16.50 28.28 -16.82
N GLN A 23 16.58 27.53 -17.91
CA GLN A 23 17.85 27.02 -18.40
C GLN A 23 18.63 28.10 -19.14
N GLN A 24 17.91 29.04 -19.75
CA GLN A 24 18.54 30.10 -20.51
C GLN A 24 19.25 31.10 -19.61
N LEU A 25 18.99 31.01 -18.30
CA LEU A 25 19.64 31.87 -17.33
C LEU A 25 21.06 31.38 -17.05
N ASP A 26 21.22 30.06 -17.00
CA ASP A 26 22.52 29.45 -16.76
C ASP A 26 22.74 28.26 -17.70
N PRO A 27 23.08 28.57 -18.96
CA PRO A 27 23.25 27.58 -20.04
C PRO A 27 24.17 26.42 -19.68
N ARG A 28 25.35 26.72 -19.14
CA ARG A 28 26.33 25.67 -18.83
C ARG A 28 25.96 24.91 -17.56
N GLY A 29 25.16 25.54 -16.70
CA GLY A 29 24.73 24.91 -15.47
C GLY A 29 24.11 23.54 -15.70
N ALA A 30 24.30 22.65 -14.72
CA ALA A 30 23.76 21.29 -14.81
C ALA A 30 22.59 21.12 -13.84
N HIS A 31 21.93 22.22 -13.51
CA HIS A 31 20.89 22.24 -12.49
C HIS A 31 19.64 21.43 -12.85
N TYR A 32 19.49 21.10 -14.12
CA TYR A 32 18.34 20.32 -14.55
C TYR A 32 18.68 18.92 -15.02
N ARG A 33 19.86 18.44 -14.61
CA ARG A 33 20.23 17.05 -14.83
C ARG A 33 19.57 16.20 -13.75
N THR A 34 18.65 15.33 -14.18
CA THR A 34 17.96 14.45 -13.24
C THR A 34 18.29 13.00 -13.60
N GLY A 35 17.75 12.06 -12.83
CA GLY A 35 17.99 10.67 -13.11
C GLY A 35 17.53 9.70 -12.04
N SER A 36 17.41 8.44 -12.42
CA SER A 36 17.06 7.37 -11.50
C SER A 36 17.94 6.17 -11.83
N CYS A 37 17.67 5.04 -11.18
CA CYS A 37 18.41 3.82 -11.47
C CYS A 37 17.63 2.58 -11.10
N LEU A 38 17.91 1.48 -11.78
CA LEU A 38 17.32 0.19 -11.46
C LEU A 38 18.33 -0.72 -10.78
N GLU A 39 18.03 -1.12 -9.55
CA GLU A 39 18.83 -2.12 -8.87
C GLU A 39 18.39 -3.50 -9.35
N ILE A 40 19.26 -4.18 -10.08
CA ILE A 40 18.92 -5.46 -10.67
C ILE A 40 19.63 -6.61 -9.96
N ASP A 41 18.85 -7.61 -9.55
CA ASP A 41 19.35 -8.69 -8.71
C ASP A 41 19.98 -9.83 -9.50
N GLY A 42 19.92 -9.75 -10.83
CA GLY A 42 20.46 -10.81 -11.67
C GLY A 42 21.32 -10.28 -12.81
N PRO A 43 22.18 -11.13 -13.36
CA PRO A 43 23.07 -10.76 -14.46
C PRO A 43 22.30 -10.54 -15.77
N LEU A 44 22.67 -9.50 -16.52
CA LEU A 44 22.05 -9.21 -17.80
C LEU A 44 23.10 -9.14 -18.90
N ASP A 45 22.69 -9.51 -20.12
CA ASP A 45 23.58 -9.44 -21.26
C ASP A 45 23.67 -8.01 -21.79
N HIS A 46 24.84 -7.40 -21.63
CA HIS A 46 25.05 -6.01 -22.03
C HIS A 46 24.79 -5.78 -23.53
N ALA A 47 25.30 -6.68 -24.36
CA ALA A 47 25.12 -6.56 -25.80
C ALA A 47 23.65 -6.46 -26.18
N VAL A 48 22.84 -7.38 -25.65
CA VAL A 48 21.41 -7.39 -25.93
C VAL A 48 20.74 -6.15 -25.35
N LEU A 49 21.16 -5.75 -24.16
CA LEU A 49 20.58 -4.59 -23.49
C LEU A 49 20.87 -3.30 -24.28
N SER A 50 22.08 -3.21 -24.81
CA SER A 50 22.46 -2.07 -25.65
C SER A 50 21.60 -2.03 -26.90
N ARG A 51 21.25 -3.20 -27.40
CA ARG A 51 20.41 -3.31 -28.59
C ARG A 51 18.98 -2.92 -28.27
N ALA A 52 18.47 -3.38 -27.14
CA ALA A 52 17.11 -3.06 -26.70
C ALA A 52 16.96 -1.57 -26.41
N LEU A 53 18.05 -0.94 -26.00
CA LEU A 53 18.03 0.49 -25.69
C LEU A 53 17.79 1.32 -26.94
N ARG A 54 18.53 1.02 -28.00
CA ARG A 54 18.39 1.74 -29.26
C ARG A 54 16.97 1.61 -29.80
N LEU A 55 16.41 0.41 -29.71
CA LEU A 55 15.02 0.19 -30.14
C LEU A 55 14.04 0.96 -29.26
N THR A 56 14.29 0.96 -27.96
CA THR A 56 13.45 1.69 -27.01
C THR A 56 13.52 3.20 -27.27
N VAL A 57 14.74 3.71 -27.34
CA VAL A 57 14.96 5.13 -27.62
C VAL A 57 14.30 5.56 -28.92
N ALA A 58 14.50 4.77 -29.96
CA ALA A 58 13.93 5.08 -31.28
C ALA A 58 12.41 5.18 -31.23
N GLY A 59 11.79 4.44 -30.33
CA GLY A 59 10.35 4.45 -30.18
C GLY A 59 9.85 5.49 -29.19
N THR A 60 10.79 6.21 -28.57
CA THR A 60 10.45 7.23 -27.57
C THR A 60 10.84 8.61 -28.09
N GLU A 61 9.89 9.30 -28.71
CA GLU A 61 10.16 10.56 -29.38
C GLU A 61 10.94 11.56 -28.51
N THR A 62 10.53 11.69 -27.26
CA THR A 62 11.13 12.69 -26.37
C THR A 62 12.62 12.45 -26.13
N LEU A 63 13.04 11.20 -26.25
CA LEU A 63 14.44 10.85 -26.08
C LEU A 63 15.23 11.02 -27.37
N CYS A 64 14.51 11.35 -28.45
CA CYS A 64 15.13 11.57 -29.76
C CYS A 64 15.09 13.03 -30.15
N SER A 65 14.69 13.88 -29.20
CA SER A 65 14.45 15.28 -29.52
C SER A 65 15.58 16.22 -29.11
N ARG A 66 15.76 17.27 -29.90
CA ARG A 66 16.66 18.36 -29.57
C ARG A 66 15.83 19.63 -29.46
N PHE A 67 16.38 20.68 -28.86
CA PHE A 67 15.65 21.93 -28.72
C PHE A 67 16.38 23.10 -29.38
N LEU A 68 15.63 23.90 -30.13
CA LEU A 68 16.20 25.02 -30.86
C LEU A 68 15.28 26.23 -30.77
N THR A 69 15.73 27.35 -31.34
CA THR A 69 14.91 28.57 -31.36
C THR A 69 14.62 28.99 -32.80
N ASP A 70 13.42 29.52 -33.03
CA ASP A 70 13.06 30.04 -34.34
C ASP A 70 13.57 31.47 -34.51
N GLU A 71 13.07 32.15 -35.53
CA GLU A 71 13.54 33.50 -35.87
C GLU A 71 13.10 34.53 -34.84
N GLU A 72 12.30 34.10 -33.87
CA GLU A 72 11.76 35.02 -32.86
C GLU A 72 12.43 34.79 -31.51
N GLY A 73 13.32 33.81 -31.44
CA GLY A 73 13.99 33.47 -30.19
C GLY A 73 13.16 32.51 -29.36
N ARG A 74 11.99 32.16 -29.87
CA ARG A 74 11.11 31.21 -29.21
C ARG A 74 11.60 29.78 -29.42
N PRO A 75 11.47 28.94 -28.38
CA PRO A 75 11.97 27.56 -28.42
C PRO A 75 11.02 26.62 -29.15
N TYR A 76 11.57 25.58 -29.77
CA TYR A 76 10.76 24.53 -30.37
C TYR A 76 11.51 23.20 -30.31
N ARG A 77 10.75 22.11 -30.33
CA ARG A 77 11.34 20.77 -30.24
C ARG A 77 11.53 20.14 -31.61
N ALA A 78 12.71 19.60 -31.86
CA ALA A 78 13.01 18.94 -33.13
C ALA A 78 13.25 17.45 -32.94
N TYR A 79 12.67 16.65 -33.82
CA TYR A 79 12.78 15.19 -33.74
C TYR A 79 13.96 14.66 -34.55
N CYS A 80 14.92 14.06 -33.85
CA CYS A 80 16.11 13.51 -34.50
C CYS A 80 16.21 12.01 -34.29
N PRO A 81 15.82 11.23 -35.31
CA PRO A 81 15.88 9.77 -35.23
C PRO A 81 17.31 9.29 -34.99
N PRO A 82 17.48 8.22 -34.21
CA PRO A 82 18.80 7.63 -33.98
C PRO A 82 19.23 6.77 -35.18
N ALA A 83 20.53 6.55 -35.33
CA ALA A 83 21.04 5.71 -36.40
C ALA A 83 20.60 4.26 -36.19
N PRO A 84 20.52 3.49 -37.29
CA PRO A 84 20.20 2.07 -37.20
C PRO A 84 21.27 1.32 -36.41
N GLU A 85 20.89 0.16 -35.86
CA GLU A 85 21.85 -0.67 -35.14
C GLU A 85 22.96 -1.12 -36.08
N GLY A 86 24.20 -1.03 -35.61
CA GLY A 86 25.35 -1.47 -36.39
C GLY A 86 25.83 -0.44 -37.39
N SER A 87 25.09 0.66 -37.52
CA SER A 87 25.47 1.73 -38.44
C SER A 87 26.65 2.53 -37.92
N ALA A 88 27.43 3.11 -38.83
CA ALA A 88 28.57 3.93 -38.45
C ALA A 88 28.11 5.33 -38.05
N ALA A 89 26.83 5.61 -38.29
CA ALA A 89 26.25 6.90 -37.94
C ALA A 89 27.05 8.06 -38.52
N VAL A 90 27.23 8.05 -39.84
CA VAL A 90 27.96 9.11 -40.52
C VAL A 90 27.07 10.33 -40.77
N GLU A 91 27.47 11.47 -40.24
CA GLU A 91 26.69 12.70 -40.36
C GLU A 91 27.33 13.67 -41.35
N ASP A 92 26.48 14.34 -42.12
CA ASP A 92 26.94 15.39 -43.03
C ASP A 92 26.97 16.70 -42.26
N PRO A 93 27.98 17.54 -42.51
CA PRO A 93 28.13 18.83 -41.83
C PRO A 93 26.86 19.69 -41.87
N ASP A 94 26.03 19.48 -42.88
CA ASP A 94 24.80 20.27 -43.03
C ASP A 94 23.56 19.38 -43.02
N GLY A 95 23.67 18.19 -42.43
CA GLY A 95 22.56 17.27 -42.37
C GLY A 95 21.97 17.17 -40.97
N VAL A 96 20.87 16.41 -40.86
CA VAL A 96 20.22 16.21 -39.57
C VAL A 96 21.07 15.30 -38.69
N PRO A 97 21.44 15.79 -37.50
CA PRO A 97 22.28 15.00 -36.58
C PRO A 97 21.52 13.81 -36.02
N TYR A 98 22.21 12.68 -35.87
CA TYR A 98 21.62 11.50 -35.26
C TYR A 98 21.52 11.71 -33.75
N THR A 99 20.56 11.04 -33.13
CA THR A 99 20.50 10.99 -31.68
C THR A 99 21.40 9.86 -31.20
N PRO A 100 22.54 10.21 -30.60
CA PRO A 100 23.47 9.19 -30.11
C PRO A 100 22.81 8.24 -29.13
N VAL A 101 23.17 6.98 -29.18
CA VAL A 101 22.65 5.99 -28.24
C VAL A 101 23.81 5.14 -27.72
N LEU A 102 24.09 5.28 -26.43
CA LEU A 102 25.20 4.55 -25.83
C LEU A 102 24.82 3.97 -24.48
N LEU A 103 24.98 2.66 -24.34
CA LEU A 103 24.84 2.02 -23.04
C LEU A 103 26.23 1.68 -22.54
N ARG A 104 26.78 2.52 -21.69
CA ARG A 104 28.10 2.29 -21.11
C ARG A 104 28.09 1.02 -20.27
N HIS A 105 29.15 0.23 -20.38
CA HIS A 105 29.31 -0.93 -19.51
C HIS A 105 30.45 -0.70 -18.54
N ILE A 106 30.13 -0.71 -17.25
CA ILE A 106 31.13 -0.48 -16.21
C ILE A 106 31.15 -1.63 -15.21
N ASP A 107 32.19 -2.45 -15.30
CA ASP A 107 32.32 -3.61 -14.43
C ASP A 107 33.07 -3.23 -13.17
N LEU A 108 32.34 -3.10 -12.06
CA LEU A 108 32.92 -2.71 -10.78
C LEU A 108 33.07 -3.90 -9.85
N SER A 109 32.84 -5.10 -10.35
CA SER A 109 32.99 -6.30 -9.55
C SER A 109 34.46 -6.48 -9.16
N GLY A 110 34.68 -6.95 -7.93
CA GLY A 110 36.02 -7.17 -7.43
C GLY A 110 36.67 -5.91 -6.93
N HIS A 111 35.91 -4.83 -6.84
CA HIS A 111 36.41 -3.56 -6.34
C HIS A 111 36.11 -3.39 -4.86
N GLU A 112 36.85 -2.48 -4.21
CA GLU A 112 36.68 -2.22 -2.78
C GLU A 112 35.21 -2.00 -2.43
N ASP A 113 34.60 -1.01 -3.07
CA ASP A 113 33.21 -0.67 -2.80
C ASP A 113 32.47 -0.35 -4.10
N PRO A 114 31.89 -1.37 -4.73
CA PRO A 114 31.18 -1.24 -6.01
C PRO A 114 30.04 -0.23 -5.93
N GLU A 115 29.19 -0.36 -4.91
CA GLU A 115 28.04 0.53 -4.75
C GLU A 115 28.48 1.99 -4.65
N GLY A 116 29.44 2.27 -3.77
CA GLY A 116 29.91 3.61 -3.56
C GLY A 116 30.56 4.22 -4.79
N GLU A 117 31.32 3.40 -5.51
CA GLU A 117 31.99 3.85 -6.72
C GLU A 117 30.97 4.16 -7.82
N ALA A 118 29.91 3.35 -7.87
CA ALA A 118 28.84 3.57 -8.82
C ALA A 118 28.12 4.88 -8.52
N GLN A 119 27.87 5.13 -7.24
CA GLN A 119 27.19 6.35 -6.81
C GLN A 119 28.02 7.59 -7.15
N ARG A 120 29.33 7.51 -6.92
CA ARG A 120 30.22 8.61 -7.26
C ARG A 120 30.22 8.87 -8.76
N TRP A 121 30.08 7.81 -9.55
CA TRP A 121 30.05 7.92 -10.99
C TRP A 121 28.78 8.63 -11.45
N MET A 122 27.65 8.28 -10.82
CA MET A 122 26.37 8.87 -11.18
C MET A 122 26.29 10.34 -10.80
N ASP A 123 26.82 10.68 -9.62
CA ASP A 123 26.87 12.05 -9.16
C ASP A 123 27.77 12.88 -10.08
N ARG A 124 28.82 12.25 -10.57
CA ARG A 124 29.75 12.90 -11.50
C ARG A 124 29.07 13.16 -12.83
N ASP A 125 28.23 12.21 -13.26
CA ASP A 125 27.56 12.31 -14.55
C ASP A 125 26.46 13.38 -14.56
N ARG A 126 25.74 13.51 -13.45
CA ARG A 126 24.66 14.49 -13.39
C ARG A 126 25.19 15.91 -13.14
N ALA A 127 26.47 16.01 -12.84
CA ALA A 127 27.12 17.31 -12.69
C ALA A 127 27.53 17.83 -14.06
N THR A 128 27.41 16.97 -15.05
CA THR A 128 27.79 17.30 -16.43
C THR A 128 26.65 17.99 -17.18
N PRO A 129 26.92 19.18 -17.72
CA PRO A 129 25.91 19.91 -18.48
C PRO A 129 25.49 19.13 -19.73
N LEU A 130 24.26 19.37 -20.19
CA LEU A 130 23.74 18.66 -21.35
C LEU A 130 23.02 19.65 -22.27
N PRO A 131 23.79 20.32 -23.14
CA PRO A 131 23.28 21.38 -24.04
C PRO A 131 22.01 20.94 -24.76
N LEU A 132 21.02 21.83 -24.81
CA LEU A 132 19.73 21.50 -25.39
C LEU A 132 19.80 21.42 -26.92
N ASP A 133 20.74 22.15 -27.51
CA ASP A 133 20.88 22.19 -28.96
C ASP A 133 21.27 20.82 -29.53
N ARG A 134 21.76 19.94 -28.67
CA ARG A 134 22.18 18.61 -29.12
C ARG A 134 21.12 17.56 -28.82
N PRO A 135 20.86 16.68 -29.81
CA PRO A 135 19.86 15.62 -29.68
C PRO A 135 20.30 14.53 -28.70
N GLY A 136 19.33 13.79 -28.16
CA GLY A 136 19.63 12.76 -27.19
C GLY A 136 20.08 13.33 -25.85
N LEU A 137 19.14 13.86 -25.09
CA LEU A 137 19.45 14.46 -23.81
C LEU A 137 19.36 13.46 -22.66
N SER A 138 20.04 12.34 -22.82
CA SER A 138 20.07 11.31 -21.78
C SER A 138 21.42 10.59 -21.73
N SER A 139 21.72 10.03 -20.56
CA SER A 139 22.97 9.30 -20.35
C SER A 139 22.67 7.95 -19.70
N HIS A 140 23.20 6.88 -20.29
CA HIS A 140 22.92 5.54 -19.80
C HIS A 140 24.19 4.80 -19.40
N ALA A 141 24.07 3.97 -18.36
CA ALA A 141 25.21 3.19 -17.89
C ALA A 141 24.75 1.93 -17.16
N LEU A 142 25.36 0.79 -17.51
CA LEU A 142 25.06 -0.46 -16.85
C LEU A 142 26.24 -0.90 -15.98
N PHE A 143 26.05 -0.91 -14.67
CA PHE A 143 27.10 -1.31 -13.74
C PHE A 143 27.01 -2.78 -13.41
N THR A 144 28.17 -3.41 -13.25
CA THR A 144 28.24 -4.76 -12.69
C THR A 144 28.85 -4.65 -11.32
N LEU A 145 28.10 -5.07 -10.29
CA LEU A 145 28.53 -4.89 -8.91
C LEU A 145 29.00 -6.20 -8.27
N GLY A 146 29.12 -7.25 -9.07
CA GLY A 146 29.50 -8.54 -8.56
C GLY A 146 28.39 -9.18 -7.76
N GLY A 147 28.38 -10.51 -7.72
CA GLY A 147 27.31 -11.23 -7.04
C GLY A 147 26.07 -11.29 -7.92
N GLY A 148 26.26 -10.97 -9.19
CA GLY A 148 25.16 -10.98 -10.15
C GLY A 148 24.35 -9.71 -10.11
N ARG A 149 24.68 -8.82 -9.18
CA ARG A 149 23.93 -7.57 -9.04
C ARG A 149 24.37 -6.53 -10.07
N HIS A 150 23.38 -5.99 -10.78
CA HIS A 150 23.63 -4.91 -11.73
C HIS A 150 22.90 -3.65 -11.29
N LEU A 151 23.33 -2.52 -11.84
CA LEU A 151 22.69 -1.24 -11.55
C LEU A 151 22.61 -0.43 -12.82
N TYR A 152 21.39 -0.21 -13.31
CA TYR A 152 21.19 0.57 -14.52
C TYR A 152 20.97 2.03 -14.16
N TYR A 153 21.80 2.91 -14.73
CA TYR A 153 21.67 4.34 -14.49
C TYR A 153 20.99 5.03 -15.66
N LEU A 154 19.92 5.77 -15.37
CA LEU A 154 19.25 6.59 -16.37
C LEU A 154 19.42 8.06 -16.02
N GLY A 155 20.27 8.75 -16.76
CA GLY A 155 20.45 10.18 -16.60
C GLY A 155 19.80 10.91 -17.75
N VAL A 156 19.16 12.03 -17.46
CA VAL A 156 18.45 12.79 -18.48
C VAL A 156 18.48 14.28 -18.19
N HIS A 157 18.05 15.08 -19.16
CA HIS A 157 17.78 16.48 -18.91
C HIS A 157 16.30 16.58 -18.54
N HIS A 158 16.00 17.38 -17.52
CA HIS A 158 14.64 17.46 -17.00
C HIS A 158 13.63 17.75 -18.11
N ILE A 159 14.06 18.47 -19.13
CA ILE A 159 13.16 18.93 -20.17
C ILE A 159 12.57 17.81 -21.03
N VAL A 160 13.20 16.63 -21.01
CA VAL A 160 12.73 15.52 -21.84
C VAL A 160 12.02 14.42 -21.06
N ILE A 161 12.43 14.21 -19.81
CA ILE A 161 11.88 13.09 -19.02
C ILE A 161 11.51 13.48 -17.60
N ASP A 162 10.25 13.25 -17.24
CA ASP A 162 9.80 13.44 -15.86
C ASP A 162 9.75 12.10 -15.13
N GLY A 163 9.36 12.13 -13.86
CA GLY A 163 9.32 10.93 -13.05
C GLY A 163 8.52 9.81 -13.69
N THR A 164 7.29 10.13 -14.09
CA THR A 164 6.40 9.16 -14.72
C THR A 164 7.02 8.51 -15.95
N SER A 165 7.78 9.28 -16.72
CA SER A 165 8.39 8.80 -17.95
C SER A 165 9.55 7.87 -17.69
N MET A 166 10.23 8.05 -16.56
CA MET A 166 11.32 7.16 -16.18
C MET A 166 10.79 5.74 -16.04
N ALA A 167 9.67 5.58 -15.38
CA ALA A 167 9.04 4.26 -15.21
C ALA A 167 8.61 3.70 -16.56
N LEU A 168 7.97 4.53 -17.39
CA LEU A 168 7.56 4.12 -18.72
C LEU A 168 8.76 3.62 -19.52
N PHE A 169 9.87 4.36 -19.43
CA PHE A 169 11.10 3.98 -20.11
C PHE A 169 11.58 2.60 -19.67
N TYR A 170 11.67 2.42 -18.35
CA TYR A 170 12.17 1.18 -17.78
C TYR A 170 11.35 -0.03 -18.22
N GLU A 171 10.02 0.07 -18.12
CA GLU A 171 9.15 -1.04 -18.47
C GLU A 171 9.24 -1.38 -19.95
N ARG A 172 9.33 -0.34 -20.78
CA ARG A 172 9.48 -0.54 -22.22
C ARG A 172 10.81 -1.19 -22.53
N LEU A 173 11.87 -0.68 -21.91
CA LEU A 173 13.22 -1.22 -22.10
C LEU A 173 13.25 -2.72 -21.83
N ALA A 174 12.65 -3.12 -20.70
CA ALA A 174 12.62 -4.54 -20.33
C ALA A 174 11.77 -5.34 -21.30
N GLU A 175 10.65 -4.76 -21.72
CA GLU A 175 9.77 -5.41 -22.67
C GLU A 175 10.52 -5.75 -23.95
N VAL A 176 11.25 -4.77 -24.48
CA VAL A 176 12.06 -4.98 -25.67
C VAL A 176 13.12 -6.05 -25.41
N TYR A 177 13.72 -5.99 -24.23
CA TYR A 177 14.78 -6.92 -23.85
C TYR A 177 14.29 -8.36 -23.87
N ARG A 178 13.14 -8.62 -23.24
CA ARG A 178 12.58 -9.96 -23.21
C ARG A 178 12.27 -10.47 -24.61
N ALA A 179 11.84 -9.57 -25.49
CA ALA A 179 11.52 -9.93 -26.87
C ALA A 179 12.74 -10.47 -27.60
N LEU A 180 13.83 -9.72 -27.57
CA LEU A 180 15.06 -10.10 -28.26
C LEU A 180 15.63 -11.40 -27.70
N ARG A 181 15.42 -11.63 -26.41
CA ARG A 181 15.93 -12.83 -25.75
C ARG A 181 15.10 -14.06 -26.11
N ASP A 182 13.78 -13.87 -26.20
CA ASP A 182 12.89 -14.98 -26.54
C ASP A 182 12.90 -15.24 -28.03
N GLY A 183 13.51 -14.33 -28.79
CA GLY A 183 13.52 -14.42 -30.24
C GLY A 183 12.21 -13.97 -30.84
N ARG A 184 11.34 -13.42 -29.99
CA ARG A 184 10.04 -12.93 -30.42
C ARG A 184 10.18 -11.58 -31.12
N ALA A 185 9.20 -11.25 -31.95
CA ALA A 185 9.14 -9.91 -32.54
C ALA A 185 8.88 -8.91 -31.41
N VAL A 186 9.60 -7.80 -31.44
CA VAL A 186 9.45 -6.78 -30.41
C VAL A 186 8.06 -6.16 -30.47
N PRO A 187 7.33 -6.20 -29.34
CA PRO A 187 5.99 -5.61 -29.25
C PRO A 187 5.99 -4.15 -29.69
N ALA A 188 4.94 -3.74 -30.38
CA ALA A 188 4.84 -2.37 -30.87
C ALA A 188 4.79 -1.37 -29.72
N ALA A 189 5.63 -0.34 -29.79
CA ALA A 189 5.66 0.70 -28.78
C ALA A 189 4.31 1.43 -28.75
N ALA A 190 3.62 1.33 -27.62
CA ALA A 190 2.30 1.95 -27.48
C ALA A 190 2.40 3.32 -26.81
N PHE A 191 3.28 4.16 -27.35
CA PHE A 191 3.45 5.51 -26.82
C PHE A 191 2.51 6.51 -27.47
N GLY A 192 2.28 7.62 -26.80
CA GLY A 192 1.31 8.61 -27.26
C GLY A 192 1.91 9.68 -28.15
N ASP A 193 1.13 10.73 -28.38
CA ASP A 193 1.55 11.83 -29.23
C ASP A 193 1.73 13.10 -28.41
N THR A 194 2.92 13.67 -28.44
CA THR A 194 3.23 14.87 -27.67
C THR A 194 2.45 16.08 -28.19
N ASP A 195 2.35 16.20 -29.51
CA ASP A 195 1.62 17.30 -30.13
C ASP A 195 0.20 17.43 -29.57
N ARG A 196 -0.51 16.31 -29.51
CA ARG A 196 -1.88 16.30 -28.99
C ARG A 196 -1.90 16.72 -27.53
N MET A 197 -0.91 16.25 -26.77
CA MET A 197 -0.81 16.58 -25.35
C MET A 197 -0.59 18.08 -25.17
N VAL A 198 0.28 18.65 -25.99
CA VAL A 198 0.53 20.08 -25.98
C VAL A 198 -0.75 20.85 -26.29
N ALA A 199 -1.44 20.42 -27.34
CA ALA A 199 -2.70 21.04 -27.73
C ALA A 199 -3.71 20.97 -26.60
N GLY A 200 -3.69 19.87 -25.86
CA GLY A 200 -4.58 19.69 -24.74
C GLY A 200 -4.36 20.75 -23.68
N GLU A 201 -3.10 21.08 -23.43
CA GLU A 201 -2.75 22.10 -22.45
C GLU A 201 -3.18 23.49 -22.92
N GLU A 202 -2.90 23.80 -24.17
CA GLU A 202 -3.28 25.08 -24.76
C GLU A 202 -4.78 25.28 -24.64
N ALA A 203 -5.55 24.25 -25.02
CA ALA A 203 -7.01 24.31 -24.90
C ALA A 203 -7.42 24.62 -23.47
N TYR A 204 -6.72 24.03 -22.51
CA TYR A 204 -7.04 24.24 -21.10
C TYR A 204 -6.79 25.68 -20.65
N ARG A 205 -5.65 26.23 -21.06
CA ARG A 205 -5.30 27.59 -20.66
C ARG A 205 -6.23 28.63 -21.27
N ALA A 206 -7.09 28.18 -22.19
CA ALA A 206 -8.04 29.06 -22.85
C ALA A 206 -9.45 28.86 -22.28
N SER A 207 -9.62 27.77 -21.53
CA SER A 207 -10.93 27.45 -20.95
C SER A 207 -11.22 28.30 -19.73
N ALA A 208 -12.49 28.36 -19.35
CA ALA A 208 -12.90 29.09 -18.16
C ALA A 208 -12.45 28.36 -16.90
N ARG A 209 -12.12 27.07 -17.06
CA ARG A 209 -11.66 26.25 -15.94
C ARG A 209 -10.31 26.76 -15.44
N TYR A 210 -9.46 27.22 -16.36
CA TYR A 210 -8.16 27.77 -16.00
C TYR A 210 -8.30 28.98 -15.09
N GLU A 211 -9.29 29.82 -15.39
CA GLU A 211 -9.55 31.03 -14.62
C GLU A 211 -9.95 30.68 -13.18
N ARG A 212 -10.82 29.68 -13.03
CA ARG A 212 -11.26 29.26 -11.71
C ARG A 212 -10.12 28.63 -10.91
N ASP A 213 -9.28 27.84 -11.59
CA ASP A 213 -8.13 27.23 -10.93
C ASP A 213 -7.18 28.30 -10.42
N ARG A 214 -6.85 29.27 -11.28
CA ARG A 214 -5.95 30.35 -10.88
C ARG A 214 -6.53 31.16 -9.74
N ALA A 215 -7.84 31.42 -9.81
CA ALA A 215 -8.52 32.15 -8.76
C ALA A 215 -8.40 31.42 -7.43
N TYR A 216 -8.63 30.11 -7.46
CA TYR A 216 -8.54 29.28 -6.26
C TYR A 216 -7.17 29.39 -5.60
N TRP A 217 -6.12 29.26 -6.39
CA TRP A 217 -4.75 29.26 -5.85
C TRP A 217 -4.29 30.66 -5.40
N THR A 218 -4.58 31.67 -6.20
CA THR A 218 -4.25 33.04 -5.83
C THR A 218 -4.88 33.42 -4.49
N GLY A 219 -6.20 33.31 -4.43
CA GLY A 219 -6.93 33.67 -3.22
C GLY A 219 -6.51 32.86 -2.00
N LEU A 220 -5.94 31.68 -2.25
CA LEU A 220 -5.52 30.80 -1.17
C LEU A 220 -4.18 31.25 -0.59
N PHE A 221 -3.48 32.11 -1.31
CA PHE A 221 -2.17 32.59 -0.87
C PHE A 221 -2.06 34.11 -0.95
N THR A 222 -3.06 34.80 -0.41
CA THR A 222 -3.05 36.26 -0.37
C THR A 222 -2.78 36.76 1.04
N ASP A 223 -2.11 35.94 1.84
CA ASP A 223 -1.75 36.30 3.21
C ASP A 223 -0.58 35.47 3.72
N GLY A 235 16.03 31.01 1.00
CA GLY A 235 15.48 31.48 -0.26
C GLY A 235 16.56 31.79 -1.29
N GLY A 236 16.33 31.37 -2.52
CA GLY A 236 17.28 31.61 -3.60
C GLY A 236 16.82 31.01 -4.91
N ARG A 237 17.78 30.62 -5.75
CA ARG A 237 17.48 30.03 -7.04
C ARG A 237 17.38 28.51 -6.93
N ALA A 238 16.63 27.89 -7.82
CA ALA A 238 16.52 26.43 -7.85
C ALA A 238 17.80 25.81 -8.38
N LEU A 239 18.46 25.00 -7.57
CA LEU A 239 19.76 24.45 -7.91
C LEU A 239 19.77 22.93 -7.81
N ALA A 240 20.73 22.31 -8.48
CA ALA A 240 20.90 20.87 -8.38
C ALA A 240 21.19 20.48 -6.94
N PRO A 241 20.39 19.56 -6.39
CA PRO A 241 20.46 19.20 -4.97
C PRO A 241 21.59 18.23 -4.65
N THR A 242 22.09 18.31 -3.42
CA THR A 242 22.96 17.28 -2.87
C THR A 242 22.05 16.19 -2.32
N VAL A 243 22.34 14.93 -2.65
CA VAL A 243 21.42 13.85 -2.32
C VAL A 243 21.97 12.88 -1.28
N ARG A 244 21.21 12.65 -0.22
CA ARG A 244 21.52 11.62 0.75
C ARG A 244 20.39 10.60 0.81
N SER A 245 20.72 9.35 0.49
CA SER A 245 19.72 8.30 0.42
C SER A 245 19.76 7.41 1.65
N LEU A 246 18.59 6.90 2.06
CA LEU A 246 18.49 6.01 3.21
C LEU A 246 17.61 4.81 2.88
N GLY A 247 18.16 3.62 3.01
CA GLY A 247 17.42 2.39 2.76
C GLY A 247 16.75 1.87 4.01
N LEU A 248 15.44 1.65 3.94
CA LEU A 248 14.68 1.16 5.07
C LEU A 248 13.97 -0.16 4.73
N PRO A 249 14.26 -1.22 5.48
CA PRO A 249 13.68 -2.54 5.24
C PRO A 249 12.23 -2.59 5.71
N PRO A 250 11.46 -3.57 5.21
CA PRO A 250 10.04 -3.73 5.57
C PRO A 250 9.82 -3.74 7.08
N GLU A 251 10.76 -4.30 7.82
CA GLU A 251 10.68 -4.35 9.28
C GLU A 251 10.46 -2.96 9.89
N ARG A 252 10.88 -1.92 9.16
CA ARG A 252 10.77 -0.57 9.67
C ARG A 252 9.76 0.29 8.90
N THR A 253 9.23 -0.24 7.80
CA THR A 253 8.33 0.53 6.95
C THR A 253 6.88 0.04 7.02
N GLU A 254 6.70 -1.19 7.51
CA GLU A 254 5.36 -1.77 7.61
C GLU A 254 4.43 -0.94 8.49
N VAL A 255 5.00 -0.27 9.49
CA VAL A 255 4.21 0.53 10.42
C VAL A 255 3.45 1.65 9.70
N LEU A 256 4.02 2.13 8.60
CA LEU A 256 3.35 3.14 7.78
C LEU A 256 2.11 2.54 7.14
N GLY A 257 2.21 1.28 6.74
CA GLY A 257 1.09 0.58 6.13
C GLY A 257 -0.06 0.38 7.11
N ARG A 258 0.28 0.13 8.37
CA ARG A 258 -0.72 -0.09 9.41
C ARG A 258 -1.36 1.23 9.83
N ALA A 259 -0.59 2.31 9.78
CA ALA A 259 -1.13 3.63 10.08
C ALA A 259 -2.13 4.01 9.00
N ALA A 260 -1.81 3.67 7.76
CA ALA A 260 -2.70 3.91 6.63
C ALA A 260 -4.01 3.13 6.80
N GLU A 261 -3.87 1.82 7.06
CA GLU A 261 -5.03 0.97 7.29
C GLU A 261 -5.94 1.52 8.39
N ALA A 262 -5.31 2.00 9.47
CA ALA A 262 -6.06 2.47 10.63
C ALA A 262 -6.73 3.81 10.40
N THR A 263 -6.05 4.72 9.70
CA THR A 263 -6.58 6.06 9.47
C THR A 263 -7.51 6.11 8.25
N GLY A 264 -7.43 5.08 7.41
CA GLY A 264 -8.26 5.02 6.21
C GLY A 264 -7.71 5.86 5.08
N ALA A 265 -6.52 6.42 5.30
CA ALA A 265 -5.87 7.23 4.27
C ALA A 265 -4.78 6.43 3.55
N HIS A 266 -4.51 6.79 2.30
CA HIS A 266 -3.43 6.17 1.54
C HIS A 266 -2.10 6.49 2.22
N TRP A 267 -1.18 5.54 2.21
CA TRP A 267 0.07 5.67 2.97
C TRP A 267 0.86 6.93 2.58
N ALA A 268 0.71 7.39 1.35
CA ALA A 268 1.39 8.60 0.90
C ALA A 268 0.91 9.81 1.69
N ARG A 269 -0.39 9.83 2.00
CA ARG A 269 -0.97 10.90 2.80
C ARG A 269 -0.40 10.86 4.22
N VAL A 270 -0.05 9.66 4.68
CA VAL A 270 0.52 9.49 6.00
C VAL A 270 1.92 10.10 6.08
N VAL A 271 2.71 9.88 5.04
CA VAL A 271 4.06 10.44 4.98
C VAL A 271 4.02 11.96 4.94
N ILE A 272 3.11 12.51 4.14
CA ILE A 272 2.96 13.96 4.01
C ILE A 272 2.55 14.59 5.34
N ALA A 273 1.64 13.95 6.05
CA ALA A 273 1.24 14.42 7.37
C ALA A 273 2.43 14.36 8.31
N GLY A 274 3.24 13.31 8.18
CA GLY A 274 4.45 13.16 8.97
C GLY A 274 5.41 14.32 8.76
N VAL A 275 5.61 14.71 7.51
CA VAL A 275 6.46 15.84 7.19
C VAL A 275 5.90 17.12 7.80
N ALA A 276 4.61 17.35 7.58
CA ALA A 276 3.94 18.53 8.11
C ALA A 276 4.11 18.64 9.62
N ALA A 277 3.96 17.51 10.30
CA ALA A 277 4.12 17.46 11.75
C ALA A 277 5.56 17.75 12.13
N PHE A 278 6.49 17.25 11.32
CA PHE A 278 7.91 17.46 11.57
C PHE A 278 8.26 18.94 11.46
N LEU A 279 7.78 19.59 10.41
CA LEU A 279 8.01 21.01 10.20
C LEU A 279 7.43 21.84 11.35
N HIS A 280 6.26 21.43 11.83
CA HIS A 280 5.63 22.14 12.93
C HIS A 280 6.43 22.01 14.22
N ARG A 281 6.96 20.82 14.48
CA ARG A 281 7.74 20.58 15.68
C ARG A 281 9.06 21.36 15.66
N THR A 282 9.65 21.47 14.47
CA THR A 282 10.96 22.12 14.34
C THR A 282 10.87 23.64 14.22
N THR A 283 9.84 24.13 13.52
CA THR A 283 9.70 25.56 13.30
C THR A 283 8.67 26.20 14.23
N GLY A 284 7.68 25.41 14.64
CA GLY A 284 6.63 25.88 15.52
C GLY A 284 5.60 26.74 14.81
N ALA A 285 5.52 26.58 13.49
CA ALA A 285 4.60 27.36 12.68
C ALA A 285 3.22 26.71 12.59
N ARG A 286 2.18 27.51 12.85
CA ARG A 286 0.81 27.04 12.77
C ARG A 286 0.44 26.64 11.35
N ASP A 287 0.74 27.52 10.39
CA ASP A 287 0.47 27.24 9.00
C ASP A 287 1.71 26.71 8.29
N VAL A 288 1.71 25.42 7.99
CA VAL A 288 2.84 24.77 7.34
C VAL A 288 2.55 24.52 5.87
N VAL A 289 3.49 24.89 5.01
CA VAL A 289 3.34 24.67 3.57
C VAL A 289 4.27 23.57 3.07
N VAL A 290 3.69 22.64 2.31
CA VAL A 290 4.47 21.56 1.71
C VAL A 290 3.92 21.25 0.32
N SER A 291 4.80 21.32 -0.68
CA SER A 291 4.39 21.11 -2.06
C SER A 291 4.36 19.63 -2.44
N VAL A 292 3.45 19.28 -3.33
CA VAL A 292 3.30 17.90 -3.78
C VAL A 292 3.24 17.85 -5.30
N PRO A 293 3.98 16.92 -5.91
CA PRO A 293 3.96 16.76 -7.37
C PRO A 293 2.65 16.16 -7.86
N VAL A 294 2.21 16.58 -9.04
CA VAL A 294 1.06 16.00 -9.70
C VAL A 294 1.46 15.56 -11.10
N THR A 295 0.79 14.55 -11.63
CA THR A 295 1.21 13.93 -12.89
C THR A 295 1.30 14.91 -14.06
N GLY A 296 0.28 15.76 -14.20
CA GLY A 296 0.21 16.69 -15.30
C GLY A 296 -0.30 16.03 -16.57
N ARG A 297 -0.76 14.79 -16.43
CA ARG A 297 -1.25 14.03 -17.57
C ARG A 297 -2.75 13.76 -17.46
N TYR A 298 -3.52 14.41 -18.32
CA TYR A 298 -4.96 14.27 -18.30
C TYR A 298 -5.45 13.69 -19.62
N GLY A 299 -6.03 12.50 -19.57
CA GLY A 299 -6.49 11.82 -20.77
C GLY A 299 -5.69 10.57 -21.07
N ALA A 300 -6.22 9.73 -21.96
CA ALA A 300 -5.58 8.47 -22.31
C ALA A 300 -4.23 8.70 -23.00
N ASN A 301 -4.20 9.62 -23.95
CA ASN A 301 -2.97 9.93 -24.69
C ASN A 301 -1.84 10.40 -23.78
N ALA A 302 -2.14 11.38 -22.93
CA ALA A 302 -1.14 11.98 -22.06
C ALA A 302 -0.49 10.98 -21.12
N ARG A 303 -1.30 10.05 -20.61
CA ARG A 303 -0.83 9.09 -19.61
C ARG A 303 0.08 8.01 -20.20
N ILE A 304 0.25 8.03 -21.51
CA ILE A 304 1.14 7.07 -22.17
C ILE A 304 2.15 7.78 -23.07
N THR A 305 2.24 9.10 -22.96
CA THR A 305 3.17 9.88 -23.76
C THR A 305 4.37 10.31 -22.93
N PRO A 306 5.48 9.58 -23.05
CA PRO A 306 6.71 9.92 -22.33
C PRO A 306 7.15 11.35 -22.63
N GLY A 307 7.42 12.12 -21.58
CA GLY A 307 7.87 13.50 -21.75
C GLY A 307 8.04 14.21 -20.43
N MET A 308 7.81 15.51 -20.43
CA MET A 308 7.95 16.33 -19.24
C MET A 308 6.73 17.24 -19.08
N VAL A 309 5.80 16.84 -18.22
CA VAL A 309 4.61 17.63 -17.93
C VAL A 309 4.38 17.69 -16.42
N SER A 310 5.36 17.23 -15.65
CA SER A 310 5.24 17.20 -14.19
C SER A 310 4.92 18.58 -13.63
N ASN A 311 4.25 18.59 -12.49
CA ASN A 311 3.80 19.83 -11.88
C ASN A 311 3.80 19.70 -10.36
N ARG A 312 3.82 20.83 -9.66
CA ARG A 312 3.80 20.83 -8.20
C ARG A 312 2.89 21.92 -7.65
N LEU A 313 2.08 21.56 -6.66
CA LEU A 313 1.18 22.50 -6.03
C LEU A 313 1.33 22.46 -4.51
N PRO A 314 1.19 23.63 -3.85
CA PRO A 314 1.40 23.76 -2.40
C PRO A 314 0.19 23.34 -1.56
N LEU A 315 0.48 22.71 -0.43
CA LEU A 315 -0.55 22.36 0.56
C LEU A 315 -0.40 23.24 1.79
N ARG A 316 -1.39 24.10 2.03
CA ARG A 316 -1.43 24.87 3.27
C ARG A 316 -2.03 24.03 4.39
N LEU A 317 -1.18 23.60 5.31
CA LEU A 317 -1.61 22.72 6.39
C LEU A 317 -1.51 23.40 7.76
N ALA A 318 -2.67 23.66 8.37
CA ALA A 318 -2.71 24.20 9.72
C ALA A 318 -2.49 23.08 10.72
N VAL A 319 -1.53 23.26 11.62
CA VAL A 319 -1.21 22.22 12.59
C VAL A 319 -1.08 22.78 14.01
N ARG A 320 -1.91 22.28 14.92
CA ARG A 320 -1.79 22.60 16.33
C ARG A 320 -1.28 21.39 17.09
N PRO A 321 -0.31 21.61 18.00
CA PRO A 321 0.37 20.52 18.71
C PRO A 321 -0.61 19.61 19.44
N GLY A 322 -1.68 20.17 20.00
CA GLY A 322 -2.61 19.43 20.81
C GLY A 322 -3.58 18.55 20.05
N GLU A 323 -3.19 18.12 18.85
CA GLU A 323 -4.03 17.24 18.05
C GLU A 323 -3.30 15.96 17.68
N SER A 324 -4.06 14.89 17.49
CA SER A 324 -3.48 13.59 17.13
C SER A 324 -2.84 13.64 15.75
N PHE A 325 -2.01 12.64 15.45
CA PHE A 325 -1.41 12.52 14.14
C PHE A 325 -2.48 12.19 13.10
N ALA A 326 -3.49 11.44 13.54
CA ALA A 326 -4.61 11.07 12.68
C ALA A 326 -5.35 12.32 12.18
N ARG A 327 -5.44 13.32 13.04
CA ARG A 327 -6.10 14.57 12.68
C ARG A 327 -5.27 15.33 11.64
N VAL A 328 -3.95 15.30 11.80
CA VAL A 328 -3.06 15.91 10.83
C VAL A 328 -3.24 15.23 9.48
N VAL A 329 -3.37 13.90 9.52
CA VAL A 329 -3.59 13.12 8.30
C VAL A 329 -4.86 13.56 7.60
N GLU A 330 -5.91 13.83 8.37
CA GLU A 330 -7.18 14.31 7.81
C GLU A 330 -7.02 15.69 7.18
N THR A 331 -6.32 16.58 7.88
CA THR A 331 -6.07 17.92 7.37
C THR A 331 -5.40 17.85 5.99
N VAL A 332 -4.50 16.89 5.84
CA VAL A 332 -3.81 16.68 4.57
C VAL A 332 -4.78 16.23 3.47
N SER A 333 -5.66 15.27 3.82
CA SER A 333 -6.62 14.75 2.85
C SER A 333 -7.65 15.80 2.45
N GLU A 334 -7.98 16.69 3.37
CA GLU A 334 -8.92 17.76 3.09
C GLU A 334 -8.28 18.79 2.15
N ALA A 335 -7.04 19.15 2.45
CA ALA A 335 -6.31 20.11 1.63
C ALA A 335 -6.04 19.53 0.24
N MET A 336 -5.72 18.24 0.20
CA MET A 336 -5.49 17.54 -1.06
C MET A 336 -6.77 17.53 -1.91
N SER A 337 -7.91 17.42 -1.25
CA SER A 337 -9.20 17.42 -1.93
C SER A 337 -9.34 18.69 -2.76
N GLY A 338 -9.04 19.82 -2.14
CA GLY A 338 -9.10 21.10 -2.83
C GLY A 338 -8.01 21.27 -3.87
N LEU A 339 -6.87 20.62 -3.63
CA LEU A 339 -5.72 20.72 -4.54
C LEU A 339 -5.98 19.94 -5.82
N LEU A 340 -6.38 18.67 -5.67
CA LEU A 340 -6.65 17.81 -6.80
C LEU A 340 -7.77 18.37 -7.67
N ALA A 341 -8.64 19.17 -7.06
CA ALA A 341 -9.76 19.77 -7.77
C ALA A 341 -9.29 20.90 -8.69
N HIS A 342 -8.05 21.33 -8.50
CA HIS A 342 -7.47 22.40 -9.31
C HIS A 342 -6.05 22.04 -9.72
N SER A 343 -5.83 20.79 -10.07
CA SER A 343 -4.49 20.26 -10.33
C SER A 343 -3.85 20.77 -11.63
N ARG A 344 -4.68 21.15 -12.59
CA ARG A 344 -4.20 21.58 -13.90
C ARG A 344 -3.34 22.85 -13.83
N PHE A 345 -3.59 23.69 -12.84
CA PHE A 345 -2.87 24.96 -12.72
C PHE A 345 -1.41 24.75 -12.35
N ARG A 346 -0.52 25.49 -13.03
CA ARG A 346 0.92 25.34 -12.82
C ARG A 346 1.37 26.02 -11.54
N GLY A 347 2.11 25.30 -10.71
CA GLY A 347 2.67 25.85 -9.50
C GLY A 347 3.64 26.99 -9.79
N GLU A 348 4.33 26.89 -10.92
CA GLU A 348 5.28 27.92 -11.33
C GLU A 348 4.56 29.24 -11.64
N ASP A 349 3.41 29.13 -12.31
CA ASP A 349 2.60 30.31 -12.62
C ASP A 349 2.12 30.99 -11.34
N LEU A 350 1.84 30.18 -10.33
CA LEU A 350 1.38 30.70 -9.04
C LEU A 350 2.48 31.51 -8.36
N ASP A 351 3.71 30.98 -8.39
CA ASP A 351 4.85 31.66 -7.79
C ASP A 351 5.10 33.02 -8.46
N ARG A 352 4.80 33.10 -9.75
CA ARG A 352 5.03 34.31 -10.52
C ARG A 352 4.02 35.40 -10.19
N GLU A 353 2.74 35.04 -10.17
CA GLU A 353 1.68 36.00 -9.91
C GLU A 353 1.73 36.55 -8.49
N LEU A 354 2.49 35.89 -7.62
CA LEU A 354 2.65 36.32 -6.24
C LEU A 354 3.97 37.05 -6.03
N GLY A 355 4.90 36.85 -6.96
CA GLY A 355 6.20 37.48 -6.88
C GLY A 355 7.05 36.92 -5.75
N GLY A 356 8.19 37.57 -5.51
CA GLY A 356 9.10 37.12 -4.48
C GLY A 356 9.63 35.73 -4.75
N ALA A 357 9.93 34.99 -3.68
CA ALA A 357 10.39 33.61 -3.80
C ALA A 357 9.21 32.67 -4.02
N GLY A 358 8.02 33.24 -4.13
CA GLY A 358 6.82 32.47 -4.34
C GLY A 358 6.43 31.64 -3.13
N VAL A 359 5.66 30.59 -3.36
CA VAL A 359 5.22 29.70 -2.28
C VAL A 359 6.21 28.56 -2.11
N SER A 360 7.06 28.67 -1.10
CA SER A 360 8.13 27.69 -0.89
C SER A 360 7.85 26.73 0.25
N GLY A 361 8.87 25.97 0.63
CA GLY A 361 8.73 24.91 1.61
C GLY A 361 9.25 23.62 1.00
N PRO A 362 9.29 22.54 1.80
CA PRO A 362 9.80 21.27 1.27
C PRO A 362 8.82 20.64 0.29
N THR A 363 9.34 19.94 -0.70
CA THR A 363 8.51 19.19 -1.62
C THR A 363 8.53 17.72 -1.24
N VAL A 364 7.34 17.15 -1.05
CA VAL A 364 7.24 15.74 -0.68
C VAL A 364 6.78 14.92 -1.86
N ASN A 365 7.66 14.05 -2.34
CA ASN A 365 7.39 13.27 -3.54
C ASN A 365 7.39 11.77 -3.24
N VAL A 366 6.24 11.25 -2.84
CA VAL A 366 6.07 9.82 -2.62
C VAL A 366 5.76 9.16 -3.95
N MET A 367 6.80 8.72 -4.64
CA MET A 367 6.64 8.13 -5.97
C MET A 367 5.65 6.97 -5.94
N PRO A 368 4.79 6.89 -6.97
CA PRO A 368 3.75 5.85 -7.06
C PRO A 368 4.37 4.47 -7.28
N TYR A 369 3.62 3.43 -6.96
CA TYR A 369 4.12 2.07 -7.08
C TYR A 369 4.63 1.76 -8.49
N ILE A 370 5.80 1.11 -8.54
CA ILE A 370 6.35 0.64 -9.79
C ILE A 370 6.64 -0.85 -9.67
N ARG A 371 5.92 -1.66 -10.44
CA ARG A 371 6.13 -3.10 -10.39
C ARG A 371 7.58 -3.43 -10.71
N PRO A 372 8.16 -4.39 -9.99
CA PRO A 372 9.52 -4.85 -10.28
C PRO A 372 9.71 -5.10 -11.78
N VAL A 373 10.61 -4.33 -12.39
CA VAL A 373 10.88 -4.43 -13.82
C VAL A 373 11.45 -5.80 -14.17
N ASP A 374 10.67 -6.59 -14.90
CA ASP A 374 11.05 -7.96 -15.23
C ASP A 374 11.83 -8.04 -16.53
N PHE A 375 13.05 -8.58 -16.46
CA PHE A 375 13.90 -8.75 -17.63
C PHE A 375 13.92 -10.21 -18.08
N GLY A 376 12.95 -10.98 -17.60
CA GLY A 376 12.89 -12.41 -17.90
C GLY A 376 13.67 -13.20 -16.87
N GLY A 377 13.36 -13.01 -15.60
CA GLY A 377 14.07 -13.64 -14.51
C GLY A 377 14.63 -12.60 -13.56
N PRO A 378 15.69 -11.91 -13.98
CA PRO A 378 16.26 -10.79 -13.23
C PRO A 378 15.23 -9.69 -13.05
N VAL A 379 15.25 -9.02 -11.89
CA VAL A 379 14.28 -7.99 -11.58
C VAL A 379 14.96 -6.70 -11.16
N GLY A 380 14.48 -5.58 -11.68
CA GLY A 380 15.04 -4.28 -11.36
C GLY A 380 14.11 -3.44 -10.52
N LEU A 381 14.64 -2.86 -9.45
CA LEU A 381 13.87 -1.98 -8.58
C LEU A 381 14.31 -0.54 -8.79
N MET A 382 13.34 0.36 -8.95
CA MET A 382 13.65 1.74 -9.25
C MET A 382 13.86 2.59 -8.00
N ARG A 383 14.92 3.38 -8.00
CA ARG A 383 15.17 4.33 -6.92
C ARG A 383 15.72 5.64 -7.50
N SER A 384 15.34 6.75 -6.89
CA SER A 384 15.69 8.07 -7.41
C SER A 384 17.17 8.41 -7.21
N ILE A 385 17.74 9.15 -8.15
CA ILE A 385 19.08 9.68 -8.04
C ILE A 385 19.00 11.19 -7.83
N SER A 386 18.14 11.83 -8.63
CA SER A 386 17.86 13.25 -8.48
C SER A 386 16.56 13.58 -9.20
N SER A 387 15.56 14.03 -8.43
CA SER A 387 14.24 14.30 -9.00
C SER A 387 14.18 15.67 -9.67
N GLY A 388 15.19 16.50 -9.41
CA GLY A 388 15.23 17.82 -10.00
C GLY A 388 15.76 18.87 -9.05
N PRO A 389 15.98 20.08 -9.55
CA PRO A 389 16.51 21.19 -8.75
C PRO A 389 15.50 21.67 -7.70
N THR A 390 16.00 22.27 -6.64
CA THR A 390 15.13 22.77 -5.58
C THR A 390 15.70 24.05 -4.97
N THR A 391 14.83 24.86 -4.38
CA THR A 391 15.25 26.08 -3.70
C THR A 391 15.44 25.79 -2.23
N ASP A 392 14.86 24.69 -1.76
CA ASP A 392 14.94 24.32 -0.36
C ASP A 392 15.26 22.84 -0.20
N LEU A 393 14.24 21.98 -0.28
CA LEU A 393 14.42 20.56 -0.06
C LEU A 393 13.41 19.70 -0.83
N ASN A 394 13.88 18.55 -1.30
CA ASN A 394 13.00 17.55 -1.90
C ASN A 394 13.08 16.25 -1.12
N ILE A 395 11.94 15.80 -0.59
CA ILE A 395 11.89 14.51 0.08
C ILE A 395 11.29 13.47 -0.86
N VAL A 396 12.14 12.55 -1.32
CA VAL A 396 11.74 11.56 -2.31
C VAL A 396 11.66 10.15 -1.72
N LEU A 397 10.50 9.51 -1.89
CA LEU A 397 10.34 8.14 -1.43
C LEU A 397 10.01 7.19 -2.58
N THR A 398 10.60 6.00 -2.54
CA THR A 398 10.28 4.96 -3.50
C THR A 398 10.06 3.63 -2.78
N GLY A 399 9.22 2.77 -3.36
CA GLY A 399 8.88 1.51 -2.73
C GLY A 399 7.56 1.60 -2.00
N THR A 400 7.29 0.63 -1.13
CA THR A 400 6.05 0.59 -0.37
C THR A 400 6.32 0.22 1.08
N PRO A 401 5.35 0.47 1.97
CA PRO A 401 5.48 0.07 3.38
C PRO A 401 5.76 -1.43 3.52
N GLU A 402 5.19 -2.23 2.61
CA GLU A 402 5.33 -3.68 2.67
C GLU A 402 6.67 -4.19 2.14
N SER A 403 7.16 -3.56 1.07
CA SER A 403 8.37 -4.04 0.41
C SER A 403 9.63 -3.26 0.79
N GLY A 404 9.47 -2.24 1.62
CA GLY A 404 10.60 -1.41 2.02
C GLY A 404 10.65 -0.11 1.25
N LEU A 405 11.38 0.87 1.78
CA LEU A 405 11.41 2.20 1.18
C LEU A 405 12.83 2.74 0.99
N ARG A 406 12.99 3.60 0.00
CA ARG A 406 14.20 4.39 -0.17
C ARG A 406 13.85 5.85 0.08
N VAL A 407 14.41 6.42 1.14
CA VAL A 407 14.15 7.82 1.47
C VAL A 407 15.32 8.70 1.08
N ASP A 408 15.12 9.54 0.07
CA ASP A 408 16.17 10.43 -0.42
C ASP A 408 15.90 11.88 -0.03
N PHE A 409 16.87 12.50 0.63
CA PHE A 409 16.78 13.91 0.97
C PHE A 409 17.61 14.75 0.01
N GLU A 410 16.94 15.50 -0.84
CA GLU A 410 17.61 16.32 -1.86
C GLU A 410 17.55 17.79 -1.45
N GLY A 411 18.68 18.33 -1.02
CA GLY A 411 18.70 19.70 -0.52
C GLY A 411 19.51 20.65 -1.38
N ASN A 412 19.05 21.90 -1.44
CA ASN A 412 19.81 22.97 -2.07
C ASN A 412 21.15 23.10 -1.36
N PRO A 413 22.25 23.00 -2.12
CA PRO A 413 23.59 23.02 -1.52
C PRO A 413 23.91 24.33 -0.80
N GLN A 414 23.14 25.37 -1.07
CA GLN A 414 23.32 26.65 -0.40
C GLN A 414 22.58 26.69 0.94
N VAL A 415 21.73 25.69 1.16
CA VAL A 415 20.92 25.63 2.37
C VAL A 415 21.35 24.47 3.27
N TYR A 416 21.61 23.33 2.67
CA TYR A 416 22.02 22.14 3.41
C TYR A 416 23.36 21.61 2.93
N GLY A 417 24.07 20.93 3.81
CA GLY A 417 25.25 20.18 3.44
C GLY A 417 24.95 18.70 3.54
N GLY A 418 25.77 17.88 2.92
CA GLY A 418 25.56 16.44 2.94
C GLY A 418 25.26 15.90 4.32
N GLN A 419 25.95 16.44 5.32
CA GLN A 419 25.79 15.98 6.70
C GLN A 419 24.54 16.54 7.35
N ASP A 420 24.13 17.74 6.93
CA ASP A 420 22.88 18.33 7.38
C ASP A 420 21.72 17.45 6.96
N LEU A 421 21.79 16.95 5.72
CA LEU A 421 20.72 16.13 5.16
C LEU A 421 20.63 14.77 5.85
N THR A 422 21.77 14.16 6.12
CA THR A 422 21.81 12.86 6.78
C THR A 422 21.21 12.91 8.18
N VAL A 423 21.52 13.98 8.91
CA VAL A 423 20.98 14.16 10.25
C VAL A 423 19.48 14.42 10.22
N LEU A 424 19.08 15.41 9.42
CA LEU A 424 17.68 15.78 9.30
C LEU A 424 16.85 14.58 8.84
N GLN A 425 17.41 13.82 7.89
CA GLN A 425 16.77 12.64 7.34
C GLN A 425 16.56 11.56 8.40
N GLU A 426 17.61 11.29 9.17
CA GLU A 426 17.56 10.28 10.22
C GLU A 426 16.48 10.58 11.25
N ARG A 427 16.50 11.79 11.80
CA ARG A 427 15.55 12.17 12.84
C ARG A 427 14.12 12.28 12.31
N PHE A 428 13.97 12.47 11.00
CA PHE A 428 12.65 12.50 10.41
C PHE A 428 12.03 11.12 10.27
N VAL A 429 12.84 10.14 9.89
CA VAL A 429 12.34 8.77 9.71
C VAL A 429 11.98 8.12 11.05
N ARG A 430 12.79 8.38 12.07
CA ARG A 430 12.50 7.90 13.41
C ARG A 430 11.19 8.53 13.90
N PHE A 431 11.09 9.84 13.72
CA PHE A 431 9.90 10.59 14.11
C PHE A 431 8.67 10.09 13.36
N LEU A 432 8.83 9.91 12.06
CA LEU A 432 7.75 9.42 11.20
C LEU A 432 7.23 8.07 11.64
N ALA A 433 8.15 7.15 11.93
CA ALA A 433 7.79 5.81 12.38
C ALA A 433 7.15 5.87 13.77
N GLU A 434 7.54 6.87 14.54
CA GLU A 434 6.99 7.06 15.89
C GLU A 434 5.54 7.48 15.79
N LEU A 435 5.24 8.33 14.81
CA LEU A 435 3.87 8.79 14.57
C LEU A 435 3.02 7.65 14.05
N ALA A 436 3.54 6.91 13.08
CA ALA A 436 2.80 5.82 12.46
C ALA A 436 2.40 4.76 13.47
N ALA A 437 3.28 4.51 14.44
CA ALA A 437 3.03 3.51 15.46
C ALA A 437 1.74 3.78 16.23
N ASP A 438 1.50 5.05 16.54
CA ASP A 438 0.30 5.43 17.29
C ASP A 438 -0.25 6.76 16.79
N PRO A 439 -1.11 6.71 15.76
CA PRO A 439 -1.72 7.89 15.16
C PRO A 439 -2.61 8.64 16.15
N ALA A 440 -3.03 7.98 17.22
CA ALA A 440 -3.90 8.59 18.21
C ALA A 440 -3.12 9.53 19.14
N ALA A 441 -1.80 9.38 19.17
CA ALA A 441 -0.95 10.20 20.02
C ALA A 441 -0.94 11.66 19.60
N THR A 442 -0.78 12.54 20.58
CA THR A 442 -0.73 13.98 20.34
C THR A 442 0.60 14.35 19.68
N VAL A 443 0.55 15.28 18.73
CA VAL A 443 1.74 15.69 17.99
C VAL A 443 2.85 16.23 18.90
N ASP A 444 2.44 16.92 19.97
CA ASP A 444 3.40 17.55 20.87
C ASP A 444 4.17 16.56 21.75
N GLU A 445 3.62 15.36 21.89
CA GLU A 445 4.20 14.38 22.82
C GLU A 445 5.08 13.34 22.13
N VAL A 446 4.91 13.19 20.82
CA VAL A 446 5.67 12.18 20.07
C VAL A 446 7.17 12.46 20.14
N ALA A 447 7.93 11.42 20.47
CA ALA A 447 9.37 11.55 20.64
C ALA A 447 10.07 12.02 19.37
N LEU A 448 10.73 13.17 19.47
CA LEU A 448 11.49 13.71 18.35
C LEU A 448 12.95 13.90 18.76
N LEU A 449 13.85 13.24 18.04
CA LEU A 449 15.27 13.40 18.28
C LEU A 449 15.70 14.82 17.89
N THR A 450 16.46 15.47 18.77
CA THR A 450 16.88 16.84 18.53
C THR A 450 18.41 16.99 18.57
N SER B 6 -4.64 -21.01 36.37
CA SER B 6 -5.18 -22.35 36.42
C SER B 6 -6.37 -22.43 37.38
N SER B 7 -6.27 -21.72 38.50
CA SER B 7 -7.36 -21.64 39.46
C SER B 7 -8.06 -20.30 39.37
N VAL B 8 -7.53 -19.43 38.51
CA VAL B 8 -8.10 -18.11 38.29
C VAL B 8 -9.28 -18.18 37.33
N ARG B 9 -10.34 -17.44 37.63
CA ARG B 9 -11.50 -17.39 36.76
C ARG B 9 -11.55 -16.06 36.01
N HIS B 10 -11.17 -16.11 34.74
CA HIS B 10 -11.11 -14.91 33.90
C HIS B 10 -12.46 -14.57 33.29
N GLY B 11 -12.74 -13.28 33.18
CA GLY B 11 -13.98 -12.83 32.58
C GLY B 11 -13.90 -12.84 31.06
N LEU B 12 -15.05 -12.92 30.41
CA LEU B 12 -15.10 -12.94 28.95
C LEU B 12 -15.26 -11.53 28.39
N THR B 13 -14.65 -11.28 27.24
CA THR B 13 -14.84 -10.02 26.54
C THR B 13 -16.28 -9.97 26.03
N SER B 14 -16.71 -8.79 25.58
CA SER B 14 -18.05 -8.63 25.03
C SER B 14 -18.29 -9.60 23.89
N ALA B 15 -17.33 -9.68 22.97
CA ALA B 15 -17.42 -10.58 21.83
C ALA B 15 -17.60 -12.03 22.29
N GLN B 16 -16.76 -12.46 23.23
CA GLN B 16 -16.83 -13.83 23.74
C GLN B 16 -18.16 -14.11 24.44
N HIS B 17 -18.68 -13.10 25.12
CA HIS B 17 -19.92 -13.25 25.86
C HIS B 17 -21.11 -13.48 24.92
N GLU B 18 -21.10 -12.80 23.78
CA GLU B 18 -22.17 -12.97 22.80
C GLU B 18 -22.14 -14.36 22.18
N VAL B 19 -20.93 -14.83 21.83
CA VAL B 19 -20.76 -16.16 21.29
C VAL B 19 -21.20 -17.21 22.30
N TRP B 20 -20.78 -17.04 23.55
CA TRP B 20 -21.14 -17.96 24.62
C TRP B 20 -22.66 -18.03 24.79
N LEU B 21 -23.32 -16.90 24.62
CA LEU B 21 -24.77 -16.84 24.77
C LEU B 21 -25.45 -17.68 23.70
N ALA B 22 -24.97 -17.54 22.46
CA ALA B 22 -25.53 -18.30 21.34
C ALA B 22 -25.31 -19.80 21.54
N GLN B 23 -24.23 -20.16 22.22
CA GLN B 23 -23.91 -21.56 22.48
C GLN B 23 -24.86 -22.19 23.51
N GLN B 24 -25.29 -21.38 24.48
CA GLN B 24 -26.22 -21.88 25.49
C GLN B 24 -27.59 -22.18 24.86
N LEU B 25 -27.87 -21.51 23.74
CA LEU B 25 -29.12 -21.71 23.02
C LEU B 25 -28.91 -22.68 21.86
N ASP B 26 -27.72 -23.27 21.79
CA ASP B 26 -27.40 -24.24 20.75
C ASP B 26 -26.20 -25.07 21.17
N PRO B 27 -26.40 -25.99 22.14
CA PRO B 27 -25.33 -26.81 22.73
C PRO B 27 -24.41 -27.42 21.68
N ARG B 28 -25.00 -28.05 20.68
CA ARG B 28 -24.22 -28.63 19.58
C ARG B 28 -23.70 -27.53 18.67
N GLY B 29 -24.14 -27.53 17.42
CA GLY B 29 -23.81 -26.47 16.49
C GLY B 29 -22.34 -26.33 16.15
N ALA B 30 -22.06 -25.78 14.98
CA ALA B 30 -20.70 -25.55 14.52
C ALA B 30 -20.63 -24.26 13.70
N HIS B 31 -21.65 -23.43 13.85
CA HIS B 31 -21.73 -22.16 13.13
C HIS B 31 -20.66 -21.19 13.61
N TYR B 32 -20.16 -21.42 14.81
CA TYR B 32 -19.10 -20.59 15.38
C TYR B 32 -17.74 -21.26 15.28
N ARG B 33 -17.45 -21.85 14.13
CA ARG B 33 -16.14 -22.43 13.87
C ARG B 33 -15.45 -21.72 12.71
N THR B 34 -14.48 -20.88 13.04
CA THR B 34 -13.72 -20.16 12.02
C THR B 34 -12.43 -20.91 11.72
N GLY B 35 -11.80 -20.57 10.61
CA GLY B 35 -10.57 -21.25 10.22
C GLY B 35 -9.78 -20.51 9.16
N SER B 36 -8.47 -20.74 9.16
CA SER B 36 -7.58 -20.19 8.15
C SER B 36 -6.52 -21.23 7.81
N CYS B 37 -5.60 -20.88 6.93
CA CYS B 37 -4.50 -21.77 6.60
C CYS B 37 -3.35 -21.04 5.92
N LEU B 38 -2.15 -21.54 6.11
CA LEU B 38 -0.97 -20.98 5.46
C LEU B 38 -0.55 -21.87 4.30
N GLU B 39 -0.21 -21.25 3.17
CA GLU B 39 0.37 -21.97 2.06
C GLU B 39 1.89 -21.91 2.21
N ILE B 40 2.48 -22.98 2.71
CA ILE B 40 3.92 -23.02 2.95
C ILE B 40 4.68 -23.56 1.74
N ASP B 41 5.46 -22.68 1.11
CA ASP B 41 6.32 -23.09 0.00
C ASP B 41 7.68 -23.50 0.54
N GLY B 42 7.80 -24.77 0.90
CA GLY B 42 9.03 -25.30 1.46
C GLY B 42 8.78 -26.40 2.48
N PRO B 43 9.72 -27.34 2.58
CA PRO B 43 9.62 -28.50 3.48
C PRO B 43 9.58 -28.10 4.95
N LEU B 44 8.76 -28.79 5.72
CA LEU B 44 8.68 -28.56 7.17
C LEU B 44 8.81 -29.88 7.91
N ASP B 45 9.64 -29.89 8.95
CA ASP B 45 9.78 -31.05 9.80
C ASP B 45 8.57 -31.16 10.72
N HIS B 46 7.78 -32.21 10.54
CA HIS B 46 6.56 -32.39 11.31
C HIS B 46 6.82 -32.53 12.82
N ALA B 47 7.79 -33.38 13.16
CA ALA B 47 8.13 -33.60 14.56
C ALA B 47 8.50 -32.30 15.26
N VAL B 48 9.17 -31.42 14.53
CA VAL B 48 9.60 -30.15 15.08
C VAL B 48 8.45 -29.15 15.16
N LEU B 49 7.60 -29.14 14.14
CA LEU B 49 6.47 -28.23 14.11
C LEU B 49 5.45 -28.60 15.18
N SER B 50 5.42 -29.88 15.55
CA SER B 50 4.53 -30.34 16.60
C SER B 50 5.00 -29.84 17.97
N ARG B 51 6.31 -29.97 18.21
CA ARG B 51 6.89 -29.45 19.44
C ARG B 51 6.76 -27.93 19.50
N ALA B 52 6.88 -27.29 18.34
CA ALA B 52 6.72 -25.84 18.24
C ALA B 52 5.28 -25.44 18.55
N LEU B 53 4.33 -26.23 18.04
CA LEU B 53 2.91 -25.98 18.26
C LEU B 53 2.55 -26.02 19.75
N ARG B 54 3.07 -27.01 20.46
CA ARG B 54 2.79 -27.14 21.89
C ARG B 54 3.31 -25.95 22.68
N LEU B 55 4.51 -25.48 22.33
CA LEU B 55 5.10 -24.31 22.98
C LEU B 55 4.26 -23.07 22.68
N THR B 56 3.85 -22.92 21.41
CA THR B 56 3.07 -21.77 20.98
C THR B 56 1.73 -21.72 21.72
N VAL B 57 1.04 -22.86 21.76
CA VAL B 57 -0.23 -22.95 22.47
C VAL B 57 -0.05 -22.58 23.94
N ALA B 58 0.97 -23.17 24.57
CA ALA B 58 1.24 -22.91 25.98
C ALA B 58 1.40 -21.42 26.28
N GLY B 59 1.99 -20.69 25.33
CA GLY B 59 2.21 -19.26 25.49
C GLY B 59 1.03 -18.43 25.03
N THR B 60 0.04 -19.08 24.42
CA THR B 60 -1.15 -18.40 23.95
C THR B 60 -2.35 -18.78 24.81
N GLU B 61 -2.59 -17.98 25.85
CA GLU B 61 -3.58 -18.30 26.88
C GLU B 61 -4.95 -18.73 26.33
N THR B 62 -5.47 -17.99 25.37
CA THR B 62 -6.81 -18.24 24.86
C THR B 62 -6.93 -19.62 24.19
N LEU B 63 -5.82 -20.16 23.71
CA LEU B 63 -5.83 -21.48 23.08
C LEU B 63 -5.74 -22.59 24.12
N CYS B 64 -5.57 -22.21 25.38
CA CYS B 64 -5.54 -23.15 26.48
C CYS B 64 -6.78 -23.00 27.34
N SER B 65 -7.82 -22.40 26.76
CA SER B 65 -8.99 -22.01 27.53
C SER B 65 -10.13 -23.02 27.45
N ARG B 66 -10.85 -23.16 28.56
CA ARG B 66 -12.13 -23.84 28.57
C ARG B 66 -13.11 -22.93 29.30
N PHE B 67 -14.38 -22.96 28.90
CA PHE B 67 -15.36 -22.04 29.44
C PHE B 67 -16.37 -22.73 30.35
N LEU B 68 -16.46 -22.25 31.58
CA LEU B 68 -17.39 -22.79 32.56
C LEU B 68 -18.30 -21.69 33.09
N THR B 69 -19.18 -22.05 34.01
CA THR B 69 -20.10 -21.09 34.61
C THR B 69 -20.14 -21.26 36.12
N ASP B 70 -20.24 -20.16 36.86
CA ASP B 70 -20.36 -20.24 38.31
C ASP B 70 -21.78 -20.62 38.71
N GLU B 71 -22.07 -20.54 40.01
CA GLU B 71 -23.40 -20.91 40.51
C GLU B 71 -24.47 -19.95 40.00
N GLU B 72 -24.06 -18.75 39.60
CA GLU B 72 -24.99 -17.73 39.15
C GLU B 72 -25.23 -17.79 37.65
N GLY B 73 -24.63 -18.79 36.99
CA GLY B 73 -24.80 -18.95 35.56
C GLY B 73 -23.87 -18.08 34.74
N ARG B 74 -23.11 -17.22 35.43
CA ARG B 74 -22.17 -16.33 34.77
C ARG B 74 -20.96 -17.12 34.26
N PRO B 75 -20.62 -16.94 32.97
CA PRO B 75 -19.52 -17.66 32.33
C PRO B 75 -18.16 -17.10 32.72
N TYR B 76 -17.18 -17.98 32.89
CA TYR B 76 -15.81 -17.56 33.11
C TYR B 76 -14.84 -18.45 32.33
N ARG B 77 -13.62 -17.96 32.14
CA ARG B 77 -12.62 -18.69 31.37
C ARG B 77 -11.53 -19.24 32.29
N ALA B 78 -11.11 -20.48 32.03
CA ALA B 78 -10.09 -21.13 32.83
C ALA B 78 -8.88 -21.51 31.98
N TYR B 79 -7.70 -21.11 32.42
CA TYR B 79 -6.46 -21.44 31.71
C TYR B 79 -6.04 -22.87 32.01
N CYS B 80 -5.87 -23.66 30.95
CA CYS B 80 -5.44 -25.05 31.07
C CYS B 80 -4.21 -25.29 30.20
N PRO B 81 -3.03 -25.32 30.82
CA PRO B 81 -1.78 -25.49 30.08
C PRO B 81 -1.72 -26.87 29.43
N PRO B 82 -1.00 -26.97 28.30
CA PRO B 82 -0.78 -28.27 27.66
C PRO B 82 0.07 -29.15 28.56
N ALA B 83 0.07 -30.45 28.30
CA ALA B 83 0.94 -31.36 29.03
C ALA B 83 2.40 -31.03 28.68
N PRO B 84 3.32 -31.30 29.62
CA PRO B 84 4.74 -31.08 29.33
C PRO B 84 5.16 -31.90 28.11
N GLU B 85 6.18 -31.44 27.40
CA GLU B 85 6.61 -32.09 26.17
C GLU B 85 7.04 -33.53 26.38
N GLY B 86 6.38 -34.45 25.71
CA GLY B 86 6.71 -35.87 25.80
C GLY B 86 5.92 -36.61 26.86
N SER B 87 5.14 -35.86 27.64
CA SER B 87 4.36 -36.45 28.73
C SER B 87 3.04 -37.03 28.22
N ALA B 88 2.55 -38.04 28.93
CA ALA B 88 1.30 -38.71 28.53
C ALA B 88 0.17 -38.41 29.52
N ALA B 89 0.45 -37.56 30.51
CA ALA B 89 -0.57 -37.20 31.49
C ALA B 89 -1.67 -36.37 30.85
N VAL B 90 -2.92 -36.67 31.21
CA VAL B 90 -4.06 -35.95 30.67
C VAL B 90 -4.58 -34.89 31.63
N GLU B 91 -3.93 -34.78 32.79
CA GLU B 91 -4.29 -33.77 33.77
C GLU B 91 -3.12 -33.43 34.69
N ASP B 92 -3.07 -32.19 35.15
CA ASP B 92 -1.97 -31.71 35.96
C ASP B 92 -2.09 -32.18 37.42
N PRO B 93 -1.06 -31.90 38.24
CA PRO B 93 -1.05 -32.32 39.65
C PRO B 93 -2.25 -31.85 40.45
N ASP B 94 -3.00 -30.90 39.94
CA ASP B 94 -4.15 -30.34 40.66
C ASP B 94 -5.48 -30.86 40.12
N GLY B 95 -5.41 -31.81 39.19
CA GLY B 95 -6.61 -32.43 38.66
C GLY B 95 -7.17 -31.75 37.42
N VAL B 96 -6.74 -30.51 37.18
CA VAL B 96 -7.20 -29.78 36.00
C VAL B 96 -6.76 -30.49 34.73
N PRO B 97 -7.62 -30.48 33.71
CA PRO B 97 -7.32 -31.16 32.44
C PRO B 97 -6.31 -30.40 31.61
N TYR B 98 -5.29 -31.10 31.11
CA TYR B 98 -4.33 -30.51 30.19
C TYR B 98 -4.99 -30.24 28.85
N THR B 99 -4.68 -29.10 28.26
CA THR B 99 -5.16 -28.80 26.91
C THR B 99 -4.42 -29.67 25.90
N PRO B 100 -5.14 -30.58 25.24
CA PRO B 100 -4.52 -31.50 24.28
C PRO B 100 -3.96 -30.76 23.08
N VAL B 101 -2.80 -31.20 22.60
CA VAL B 101 -2.15 -30.59 21.45
C VAL B 101 -1.82 -31.64 20.40
N LEU B 102 -2.53 -31.60 19.28
CA LEU B 102 -2.36 -32.58 18.23
C LEU B 102 -2.23 -31.94 16.84
N LEU B 103 -1.03 -32.01 16.28
CA LEU B 103 -0.81 -31.57 14.91
C LEU B 103 -0.90 -32.76 13.95
N ARG B 104 -2.09 -32.99 13.41
CA ARG B 104 -2.28 -34.07 12.45
C ARG B 104 -1.33 -33.91 11.27
N HIS B 105 -0.84 -35.03 10.76
CA HIS B 105 -0.02 -35.00 9.55
C HIS B 105 -0.74 -35.76 8.44
N ILE B 106 -1.25 -35.02 7.46
CA ILE B 106 -2.01 -35.62 6.37
C ILE B 106 -1.23 -35.53 5.06
N ASP B 107 -0.68 -36.66 4.64
CA ASP B 107 0.18 -36.72 3.46
C ASP B 107 -0.64 -36.91 2.19
N LEU B 108 -0.77 -35.83 1.41
CA LEU B 108 -1.53 -35.88 0.17
C LEU B 108 -0.61 -35.94 -1.06
N SER B 109 0.68 -36.14 -0.83
CA SER B 109 1.64 -36.23 -1.92
C SER B 109 1.37 -37.47 -2.77
N GLY B 110 1.21 -37.28 -4.07
CA GLY B 110 0.96 -38.38 -4.98
C GLY B 110 -0.50 -38.55 -5.33
N HIS B 111 -1.38 -37.92 -4.55
CA HIS B 111 -2.81 -38.01 -4.80
C HIS B 111 -3.21 -37.24 -6.05
N GLU B 112 -4.43 -37.46 -6.51
CA GLU B 112 -4.93 -36.84 -7.74
C GLU B 112 -4.99 -35.32 -7.62
N ASP B 113 -5.61 -34.84 -6.54
CA ASP B 113 -5.72 -33.41 -6.31
C ASP B 113 -5.43 -33.07 -4.85
N PRO B 114 -4.16 -32.86 -4.52
CA PRO B 114 -3.72 -32.54 -3.16
C PRO B 114 -4.40 -31.30 -2.60
N GLU B 115 -4.49 -30.25 -3.40
CA GLU B 115 -5.10 -28.99 -2.97
C GLU B 115 -6.59 -29.16 -2.69
N GLY B 116 -7.30 -29.77 -3.63
CA GLY B 116 -8.74 -29.95 -3.50
C GLY B 116 -9.13 -30.86 -2.36
N GLU B 117 -8.37 -31.93 -2.16
CA GLU B 117 -8.66 -32.89 -1.09
C GLU B 117 -8.40 -32.27 0.28
N ALA B 118 -7.34 -31.46 0.37
CA ALA B 118 -7.05 -30.74 1.61
C ALA B 118 -8.19 -29.76 1.89
N GLN B 119 -8.69 -29.13 0.84
CA GLN B 119 -9.76 -28.16 0.96
C GLN B 119 -11.04 -28.79 1.50
N ARG B 120 -11.38 -29.96 0.98
CA ARG B 120 -12.59 -30.67 1.42
C ARG B 120 -12.44 -31.19 2.85
N TRP B 121 -11.21 -31.54 3.23
CA TRP B 121 -10.94 -32.00 4.59
C TRP B 121 -11.18 -30.86 5.57
N MET B 122 -10.74 -29.66 5.21
CA MET B 122 -10.89 -28.49 6.05
C MET B 122 -12.36 -28.06 6.18
N ASP B 123 -13.11 -28.23 5.10
CA ASP B 123 -14.53 -27.90 5.11
C ASP B 123 -15.32 -28.87 5.97
N ARG B 124 -14.86 -30.11 6.01
CA ARG B 124 -15.52 -31.15 6.81
C ARG B 124 -15.22 -30.97 8.29
N ASP B 125 -13.96 -30.69 8.59
CA ASP B 125 -13.53 -30.45 9.97
C ASP B 125 -14.28 -29.27 10.57
N ARG B 126 -14.45 -28.22 9.77
CA ARG B 126 -15.10 -27.00 10.22
C ARG B 126 -16.55 -27.23 10.65
N ALA B 127 -17.17 -28.28 10.13
CA ALA B 127 -18.58 -28.54 10.38
C ALA B 127 -18.83 -29.41 11.61
N THR B 128 -17.78 -29.78 12.32
CA THR B 128 -17.92 -30.60 13.51
C THR B 128 -17.92 -29.75 14.78
N PRO B 129 -18.96 -29.90 15.62
CA PRO B 129 -19.13 -29.12 16.86
C PRO B 129 -17.92 -29.20 17.78
N LEU B 130 -17.80 -28.23 18.68
CA LEU B 130 -16.68 -28.18 19.62
C LEU B 130 -17.16 -27.74 21.01
N PRO B 131 -16.88 -28.57 22.03
CA PRO B 131 -17.35 -28.36 23.41
C PRO B 131 -16.56 -27.29 24.17
N LEU B 132 -17.25 -26.26 24.64
CA LEU B 132 -16.62 -25.18 25.40
C LEU B 132 -16.06 -25.66 26.73
N ASP B 133 -16.71 -26.66 27.31
CA ASP B 133 -16.30 -27.21 28.60
C ASP B 133 -14.95 -27.92 28.50
N ARG B 134 -14.61 -28.36 27.30
CA ARG B 134 -13.37 -29.08 27.07
C ARG B 134 -12.27 -28.14 26.59
N PRO B 135 -11.09 -28.21 27.22
CA PRO B 135 -9.97 -27.39 26.77
C PRO B 135 -9.48 -27.87 25.41
N GLY B 136 -8.79 -27.00 24.67
CA GLY B 136 -8.36 -27.33 23.33
C GLY B 136 -9.45 -27.05 22.31
N LEU B 137 -9.88 -25.80 22.26
CA LEU B 137 -10.92 -25.39 21.32
C LEU B 137 -10.32 -25.03 19.97
N SER B 138 -9.37 -25.83 19.53
CA SER B 138 -8.74 -25.64 18.23
C SER B 138 -8.35 -26.96 17.59
N SER B 139 -8.35 -26.99 16.27
CA SER B 139 -7.99 -28.19 15.51
C SER B 139 -6.83 -27.85 14.58
N HIS B 140 -5.76 -28.63 14.67
CA HIS B 140 -4.56 -28.35 13.89
C HIS B 140 -4.22 -29.48 12.93
N ALA B 141 -3.80 -29.11 11.72
CA ALA B 141 -3.48 -30.09 10.69
C ALA B 141 -2.40 -29.58 9.76
N LEU B 142 -1.44 -30.44 9.44
CA LEU B 142 -0.38 -30.12 8.50
C LEU B 142 -0.47 -31.03 7.27
N PHE B 143 -0.87 -30.47 6.14
CA PHE B 143 -0.98 -31.22 4.90
C PHE B 143 0.33 -31.20 4.12
N THR B 144 0.76 -32.37 3.66
CA THR B 144 1.86 -32.45 2.72
C THR B 144 1.29 -32.60 1.32
N LEU B 145 1.45 -31.57 0.50
CA LEU B 145 0.85 -31.55 -0.83
C LEU B 145 1.75 -32.18 -1.89
N GLY B 146 3.00 -32.41 -1.53
CA GLY B 146 3.97 -32.95 -2.47
C GLY B 146 4.69 -31.85 -3.21
N GLY B 147 5.96 -32.09 -3.53
CA GLY B 147 6.77 -31.08 -4.20
C GLY B 147 7.34 -30.08 -3.20
N GLY B 148 7.31 -30.44 -1.93
CA GLY B 148 7.83 -29.59 -0.88
C GLY B 148 6.85 -28.52 -0.45
N ARG B 149 5.61 -28.62 -0.93
CA ARG B 149 4.57 -27.67 -0.57
C ARG B 149 3.70 -28.20 0.56
N HIS B 150 3.47 -27.37 1.57
CA HIS B 150 2.65 -27.75 2.71
C HIS B 150 1.42 -26.86 2.84
N LEU B 151 0.57 -27.19 3.80
CA LEU B 151 -0.61 -26.41 4.08
C LEU B 151 -1.01 -26.60 5.55
N TYR B 152 -0.81 -25.57 6.35
CA TYR B 152 -1.17 -25.63 7.76
C TYR B 152 -2.58 -25.11 7.97
N TYR B 153 -3.44 -25.94 8.55
CA TYR B 153 -4.82 -25.55 8.82
C TYR B 153 -5.03 -25.26 10.31
N LEU B 154 -5.71 -24.15 10.59
CA LEU B 154 -6.07 -23.81 11.95
C LEU B 154 -7.58 -23.62 12.07
N GLY B 155 -8.24 -24.62 12.65
CA GLY B 155 -9.66 -24.51 12.93
C GLY B 155 -9.86 -24.23 14.40
N VAL B 156 -10.79 -23.33 14.72
CA VAL B 156 -11.03 -22.95 16.11
C VAL B 156 -12.49 -22.63 16.36
N HIS B 157 -12.89 -22.72 17.62
CA HIS B 157 -14.19 -22.20 18.04
C HIS B 157 -14.06 -20.69 17.99
N HIS B 158 -15.13 -20.01 17.57
CA HIS B 158 -15.07 -18.57 17.36
C HIS B 158 -14.92 -17.79 18.67
N ILE B 159 -14.99 -18.49 19.79
CA ILE B 159 -14.94 -17.83 21.08
C ILE B 159 -13.51 -17.61 21.58
N VAL B 160 -12.55 -18.32 21.00
CA VAL B 160 -11.17 -18.22 21.46
C VAL B 160 -10.26 -17.39 20.54
N ILE B 161 -10.58 -17.36 19.25
CA ILE B 161 -9.69 -16.71 18.28
C ILE B 161 -10.44 -15.84 17.26
N ASP B 162 -9.93 -14.63 17.05
CA ASP B 162 -10.46 -13.74 16.01
C ASP B 162 -9.47 -13.62 14.85
N GLY B 163 -9.82 -12.79 13.88
CA GLY B 163 -9.02 -12.64 12.67
C GLY B 163 -7.57 -12.24 12.89
N THR B 164 -7.35 -11.24 13.75
CA THR B 164 -6.00 -10.73 13.97
C THR B 164 -5.19 -11.64 14.89
N SER B 165 -5.87 -12.47 15.66
CA SER B 165 -5.19 -13.41 16.56
C SER B 165 -4.56 -14.56 15.78
N MET B 166 -5.16 -14.89 14.64
CA MET B 166 -4.61 -15.94 13.79
C MET B 166 -3.27 -15.50 13.20
N ALA B 167 -3.16 -14.23 12.86
CA ALA B 167 -1.90 -13.67 12.39
C ALA B 167 -0.83 -13.78 13.49
N LEU B 168 -1.22 -13.45 14.71
CA LEU B 168 -0.31 -13.54 15.85
C LEU B 168 0.12 -14.98 16.10
N PHE B 169 -0.82 -15.91 15.97
CA PHE B 169 -0.54 -17.33 16.15
C PHE B 169 0.49 -17.84 15.16
N TYR B 170 0.22 -17.63 13.87
CA TYR B 170 1.11 -18.08 12.81
C TYR B 170 2.52 -17.53 12.99
N GLU B 171 2.63 -16.23 13.22
CA GLU B 171 3.92 -15.57 13.37
C GLU B 171 4.68 -16.09 14.59
N ARG B 172 3.93 -16.45 15.63
CA ARG B 172 4.53 -17.02 16.84
C ARG B 172 5.01 -18.45 16.57
N LEU B 173 4.15 -19.25 15.98
CA LEU B 173 4.48 -20.62 15.61
C LEU B 173 5.76 -20.68 14.79
N ALA B 174 5.90 -19.75 13.85
CA ALA B 174 7.06 -19.70 12.97
C ALA B 174 8.30 -19.28 13.74
N GLU B 175 8.14 -18.32 14.64
CA GLU B 175 9.26 -17.85 15.46
C GLU B 175 9.80 -19.01 16.30
N VAL B 176 8.89 -19.72 16.97
CA VAL B 176 9.26 -20.88 17.76
C VAL B 176 9.92 -21.95 16.90
N TYR B 177 9.38 -22.16 15.71
CA TYR B 177 9.89 -23.17 14.79
C TYR B 177 11.34 -22.89 14.38
N ARG B 178 11.59 -21.70 13.85
CA ARG B 178 12.94 -21.31 13.45
C ARG B 178 13.96 -21.58 14.55
N ALA B 179 13.58 -21.26 15.78
CA ALA B 179 14.46 -21.47 16.93
C ALA B 179 14.78 -22.94 17.14
N LEU B 180 13.76 -23.79 17.12
CA LEU B 180 13.94 -25.21 17.34
C LEU B 180 14.77 -25.85 16.23
N ARG B 181 14.59 -25.39 15.00
CA ARG B 181 15.38 -25.88 13.87
C ARG B 181 16.84 -25.43 13.99
N ASP B 182 17.04 -24.13 14.21
CA ASP B 182 18.38 -23.57 14.30
C ASP B 182 19.02 -23.88 15.66
N GLY B 183 18.30 -24.62 16.50
CA GLY B 183 18.81 -24.98 17.81
C GLY B 183 19.07 -23.78 18.70
N ARG B 184 18.46 -22.65 18.36
CA ARG B 184 18.57 -21.45 19.20
C ARG B 184 17.52 -21.47 20.30
N ALA B 185 17.66 -20.58 21.26
CA ALA B 185 16.67 -20.45 22.33
C ALA B 185 15.37 -19.87 21.79
N VAL B 186 14.25 -20.31 22.36
CA VAL B 186 12.95 -19.80 21.95
C VAL B 186 12.69 -18.44 22.59
N PRO B 187 12.52 -17.40 21.76
CA PRO B 187 12.23 -16.06 22.26
C PRO B 187 11.02 -16.06 23.18
N ALA B 188 11.09 -15.28 24.26
CA ALA B 188 10.01 -15.23 25.24
C ALA B 188 8.71 -14.77 24.58
N ALA B 189 7.60 -15.40 24.97
CA ALA B 189 6.30 -15.04 24.45
C ALA B 189 5.93 -13.62 24.88
N ALA B 190 5.76 -12.74 23.90
CA ALA B 190 5.43 -11.34 24.18
C ALA B 190 3.95 -11.07 23.95
N PHE B 191 3.11 -11.60 24.83
CA PHE B 191 1.66 -11.42 24.71
C PHE B 191 1.09 -10.58 25.86
N GLY B 192 -0.07 -9.98 25.62
CA GLY B 192 -0.67 -9.07 26.57
C GLY B 192 -1.60 -9.71 27.57
N ASP B 193 -2.26 -8.86 28.36
CA ASP B 193 -3.14 -9.33 29.43
C ASP B 193 -4.62 -9.18 29.04
N THR B 194 -5.33 -10.30 29.03
CA THR B 194 -6.74 -10.31 28.66
C THR B 194 -7.61 -9.64 29.72
N ASP B 195 -7.37 -9.97 30.98
CA ASP B 195 -8.14 -9.38 32.09
C ASP B 195 -8.15 -7.85 32.01
N ARG B 196 -6.99 -7.27 31.74
CA ARG B 196 -6.88 -5.82 31.61
C ARG B 196 -7.75 -5.31 30.47
N MET B 197 -7.76 -6.08 29.37
CA MET B 197 -8.54 -5.72 28.19
C MET B 197 -10.03 -5.80 28.49
N VAL B 198 -10.42 -6.84 29.23
CA VAL B 198 -11.80 -7.02 29.65
C VAL B 198 -12.24 -5.87 30.57
N ALA B 199 -11.39 -5.52 31.52
CA ALA B 199 -11.67 -4.43 32.44
C ALA B 199 -11.90 -3.13 31.68
N GLY B 200 -11.14 -2.94 30.61
CA GLY B 200 -11.28 -1.78 29.77
C GLY B 200 -12.66 -1.70 29.14
N GLU B 201 -13.15 -2.84 28.66
CA GLU B 201 -14.48 -2.91 28.08
C GLU B 201 -15.55 -2.61 29.12
N GLU B 202 -15.38 -3.14 30.32
CA GLU B 202 -16.34 -2.93 31.40
C GLU B 202 -16.46 -1.46 31.79
N ALA B 203 -15.33 -0.76 31.77
CA ALA B 203 -15.31 0.66 32.10
C ALA B 203 -16.09 1.46 31.06
N TYR B 204 -15.94 1.08 29.79
CA TYR B 204 -16.62 1.77 28.70
C TYR B 204 -18.14 1.65 28.82
N ARG B 205 -18.64 0.45 29.08
CA ARG B 205 -20.07 0.22 29.19
C ARG B 205 -20.68 1.00 30.34
N ALA B 206 -19.90 1.17 31.41
CA ALA B 206 -20.38 1.87 32.60
C ALA B 206 -20.36 3.38 32.42
N SER B 207 -19.45 3.87 31.58
CA SER B 207 -19.30 5.31 31.36
C SER B 207 -20.45 5.86 30.52
N ALA B 208 -20.60 7.18 30.52
CA ALA B 208 -21.63 7.82 29.72
C ALA B 208 -21.32 7.69 28.23
N ARG B 209 -20.08 7.31 27.93
CA ARG B 209 -19.66 7.09 26.55
C ARG B 209 -20.52 6.03 25.88
N TYR B 210 -20.93 5.04 26.65
CA TYR B 210 -21.77 3.97 26.13
C TYR B 210 -23.07 4.52 25.53
N GLU B 211 -23.71 5.42 26.26
CA GLU B 211 -24.96 6.02 25.80
C GLU B 211 -24.73 7.01 24.66
N ARG B 212 -23.59 7.69 24.69
CA ARG B 212 -23.24 8.60 23.60
C ARG B 212 -23.10 7.85 22.28
N ASP B 213 -22.54 6.64 22.35
CA ASP B 213 -22.41 5.80 21.16
C ASP B 213 -23.77 5.23 20.74
N ARG B 214 -24.51 4.71 21.72
CA ARG B 214 -25.81 4.13 21.44
C ARG B 214 -26.72 5.15 20.75
N ALA B 215 -26.66 6.39 21.22
CA ALA B 215 -27.45 7.46 20.63
C ALA B 215 -27.05 7.69 19.17
N TYR B 216 -25.75 7.72 18.92
CA TYR B 216 -25.23 7.92 17.57
C TYR B 216 -25.77 6.87 16.60
N TRP B 217 -25.65 5.60 16.98
CA TRP B 217 -26.04 4.50 16.11
C TRP B 217 -27.56 4.41 15.91
N THR B 218 -28.30 4.41 17.01
CA THR B 218 -29.75 4.36 16.93
C THR B 218 -30.29 5.58 16.20
N GLY B 219 -29.69 6.73 16.47
CA GLY B 219 -30.08 7.97 15.82
C GLY B 219 -29.72 8.00 14.35
N LEU B 220 -28.84 7.07 13.95
CA LEU B 220 -28.41 6.98 12.57
C LEU B 220 -29.33 6.06 11.77
N PHE B 221 -30.07 5.22 12.47
CA PHE B 221 -30.97 4.27 11.81
C PHE B 221 -32.44 4.54 12.13
N THR B 222 -32.75 5.75 12.58
CA THR B 222 -34.12 6.13 12.87
C THR B 222 -35.01 5.86 11.67
N ASP B 223 -34.53 6.23 10.49
CA ASP B 223 -35.24 5.96 9.24
C ASP B 223 -34.64 4.73 8.55
N ARG B 224 -34.95 3.56 9.09
CA ARG B 224 -34.41 2.30 8.59
C ARG B 224 -34.63 2.13 7.10
N PRO B 225 -33.52 2.09 6.32
CA PRO B 225 -33.57 1.92 4.86
C PRO B 225 -34.15 0.56 4.47
N GLU B 226 -34.34 0.36 3.17
CA GLU B 226 -34.86 -0.92 2.67
C GLU B 226 -33.78 -1.98 2.73
N PRO B 227 -34.12 -3.16 3.27
CA PRO B 227 -33.18 -4.28 3.41
C PRO B 227 -32.57 -4.70 2.07
N VAL B 228 -31.32 -4.30 1.84
CA VAL B 228 -30.59 -4.71 0.65
C VAL B 228 -29.78 -5.97 0.96
N SER B 229 -29.83 -6.95 0.07
CA SER B 229 -29.17 -8.22 0.32
C SER B 229 -28.86 -9.00 -0.96
N LEU B 230 -29.02 -8.35 -2.10
CA LEU B 230 -28.76 -9.01 -3.39
C LEU B 230 -29.66 -10.23 -3.56
N THR B 231 -29.08 -11.32 -4.04
CA THR B 231 -29.80 -12.58 -4.23
C THR B 231 -31.22 -12.37 -4.75
N THR B 242 -21.56 -21.60 2.55
CA THR B 242 -20.69 -22.01 1.45
C THR B 242 -19.74 -20.88 1.06
N VAL B 243 -18.49 -21.25 0.76
CA VAL B 243 -17.46 -20.27 0.44
C VAL B 243 -16.92 -20.43 -0.97
N ARG B 244 -17.04 -19.38 -1.78
CA ARG B 244 -16.49 -19.36 -3.13
C ARG B 244 -15.30 -18.41 -3.17
N SER B 245 -14.12 -18.94 -3.45
CA SER B 245 -12.91 -18.11 -3.47
C SER B 245 -12.19 -18.15 -4.81
N LEU B 246 -11.83 -16.97 -5.31
CA LEU B 246 -11.05 -16.86 -6.54
C LEU B 246 -9.82 -15.99 -6.34
N GLY B 247 -8.73 -16.34 -7.01
CA GLY B 247 -7.49 -15.61 -6.88
C GLY B 247 -7.28 -14.59 -7.97
N LEU B 248 -6.79 -13.41 -7.59
CA LEU B 248 -6.50 -12.36 -8.56
C LEU B 248 -5.02 -12.02 -8.55
N PRO B 249 -4.36 -12.16 -9.70
CA PRO B 249 -2.92 -11.90 -9.84
C PRO B 249 -2.60 -10.42 -9.70
N PRO B 250 -1.35 -10.10 -9.28
CA PRO B 250 -0.90 -8.72 -9.08
C PRO B 250 -1.21 -7.81 -10.28
N GLU B 251 -1.05 -8.34 -11.48
CA GLU B 251 -1.30 -7.56 -12.69
C GLU B 251 -2.71 -7.00 -12.73
N ARG B 252 -3.62 -7.65 -12.02
CA ARG B 252 -5.03 -7.25 -12.03
C ARG B 252 -5.44 -6.47 -10.79
N THR B 253 -4.72 -6.68 -9.69
CA THR B 253 -5.05 -6.03 -8.42
C THR B 253 -4.31 -4.71 -8.23
N GLU B 254 -3.25 -4.51 -9.00
CA GLU B 254 -2.47 -3.27 -8.92
C GLU B 254 -3.32 -2.03 -9.13
N VAL B 255 -4.36 -2.16 -9.94
CA VAL B 255 -5.24 -1.05 -10.26
C VAL B 255 -5.93 -0.48 -9.01
N LEU B 256 -6.20 -1.36 -8.04
CA LEU B 256 -6.80 -0.92 -6.79
C LEU B 256 -5.84 -0.03 -6.02
N GLY B 257 -4.55 -0.31 -6.14
CA GLY B 257 -3.52 0.51 -5.51
C GLY B 257 -3.41 1.87 -6.17
N ARG B 258 -3.64 1.91 -7.48
CA ARG B 258 -3.57 3.16 -8.22
C ARG B 258 -4.78 4.05 -7.91
N ALA B 259 -5.95 3.41 -7.79
CA ALA B 259 -7.15 4.14 -7.42
C ALA B 259 -7.02 4.69 -6.01
N ALA B 260 -6.34 3.93 -5.15
CA ALA B 260 -6.09 4.36 -3.78
C ALA B 260 -5.15 5.56 -3.74
N GLU B 261 -4.13 5.53 -4.58
CA GLU B 261 -3.17 6.63 -4.66
C GLU B 261 -3.84 7.90 -5.21
N ALA B 262 -4.70 7.71 -6.21
CA ALA B 262 -5.37 8.84 -6.85
C ALA B 262 -6.37 9.53 -5.92
N THR B 263 -7.17 8.74 -5.21
CA THR B 263 -8.17 9.28 -4.31
C THR B 263 -7.55 9.68 -2.97
N GLY B 264 -6.39 9.10 -2.67
CA GLY B 264 -5.72 9.36 -1.41
C GLY B 264 -6.31 8.55 -0.28
N ALA B 265 -7.18 7.60 -0.62
CA ALA B 265 -7.80 6.73 0.37
C ALA B 265 -7.13 5.36 0.39
N HIS B 266 -7.04 4.77 1.58
CA HIS B 266 -6.50 3.42 1.72
C HIS B 266 -7.31 2.47 0.82
N TRP B 267 -6.63 1.54 0.17
CA TRP B 267 -7.27 0.69 -0.83
C TRP B 267 -8.47 -0.09 -0.28
N ALA B 268 -8.47 -0.35 1.03
CA ALA B 268 -9.60 -1.03 1.66
C ALA B 268 -10.86 -0.20 1.52
N ARG B 269 -10.73 1.12 1.65
CA ARG B 269 -11.84 2.04 1.46
C ARG B 269 -12.33 1.99 0.02
N VAL B 270 -11.38 1.89 -0.91
CA VAL B 270 -11.72 1.77 -2.32
C VAL B 270 -12.59 0.54 -2.56
N VAL B 271 -12.19 -0.58 -1.96
CA VAL B 271 -12.92 -1.83 -2.09
C VAL B 271 -14.32 -1.71 -1.50
N ILE B 272 -14.40 -1.18 -0.27
CA ILE B 272 -15.69 -0.97 0.38
C ILE B 272 -16.59 -0.11 -0.50
N ALA B 273 -15.99 0.89 -1.15
CA ALA B 273 -16.72 1.76 -2.06
C ALA B 273 -17.20 0.98 -3.27
N GLY B 274 -16.38 0.02 -3.71
CA GLY B 274 -16.74 -0.82 -4.83
C GLY B 274 -17.96 -1.68 -4.53
N VAL B 275 -18.01 -2.21 -3.31
CA VAL B 275 -19.14 -3.04 -2.89
C VAL B 275 -20.40 -2.19 -2.75
N ALA B 276 -20.26 -0.99 -2.20
CA ALA B 276 -21.39 -0.08 -2.04
C ALA B 276 -21.98 0.27 -3.40
N ALA B 277 -21.11 0.62 -4.34
CA ALA B 277 -21.54 0.95 -5.70
C ALA B 277 -22.15 -0.27 -6.39
N PHE B 278 -21.66 -1.45 -6.04
CA PHE B 278 -22.16 -2.69 -6.63
C PHE B 278 -23.56 -3.03 -6.13
N LEU B 279 -23.79 -2.81 -4.84
CA LEU B 279 -25.11 -3.02 -4.26
C LEU B 279 -26.12 -2.04 -4.84
N HIS B 280 -25.70 -0.78 -4.96
CA HIS B 280 -26.54 0.27 -5.51
C HIS B 280 -26.97 -0.05 -6.94
N ARG B 281 -26.08 -0.70 -7.69
CA ARG B 281 -26.33 -1.00 -9.10
C ARG B 281 -27.15 -2.28 -9.28
N THR B 282 -27.03 -3.20 -8.33
CA THR B 282 -27.74 -4.47 -8.42
C THR B 282 -29.16 -4.39 -7.87
N THR B 283 -29.33 -3.63 -6.80
CA THR B 283 -30.63 -3.51 -6.15
C THR B 283 -31.33 -2.20 -6.53
N GLY B 284 -30.60 -1.29 -7.15
CA GLY B 284 -31.15 -0.02 -7.57
C GLY B 284 -31.42 0.92 -6.42
N ALA B 285 -31.01 0.52 -5.21
CA ALA B 285 -31.26 1.30 -4.01
C ALA B 285 -30.27 2.46 -3.84
N ARG B 286 -30.78 3.59 -3.36
CA ARG B 286 -29.96 4.77 -3.12
C ARG B 286 -29.19 4.64 -1.82
N ASP B 287 -29.91 4.52 -0.71
CA ASP B 287 -29.30 4.35 0.59
C ASP B 287 -28.99 2.88 0.87
N VAL B 288 -27.72 2.54 0.79
CA VAL B 288 -27.29 1.15 0.97
C VAL B 288 -26.50 0.99 2.26
N VAL B 289 -26.37 -0.25 2.71
CA VAL B 289 -25.66 -0.54 3.96
C VAL B 289 -24.68 -1.70 3.81
N VAL B 290 -23.42 -1.46 4.15
CA VAL B 290 -22.43 -2.52 4.22
C VAL B 290 -21.76 -2.49 5.59
N SER B 291 -21.53 -3.66 6.17
CA SER B 291 -20.90 -3.73 7.48
C SER B 291 -19.43 -4.08 7.39
N VAL B 292 -18.64 -3.48 8.27
CA VAL B 292 -17.20 -3.75 8.31
C VAL B 292 -16.79 -4.19 9.71
N PRO B 293 -15.83 -5.11 9.79
CA PRO B 293 -15.30 -5.56 11.08
C PRO B 293 -14.31 -4.56 11.67
N VAL B 294 -14.26 -4.48 12.99
CA VAL B 294 -13.24 -3.69 13.68
C VAL B 294 -12.60 -4.56 14.76
N THR B 295 -11.33 -4.35 15.02
CA THR B 295 -10.58 -5.21 15.93
C THR B 295 -11.13 -5.16 17.35
N GLY B 296 -11.60 -3.99 17.78
CA GLY B 296 -12.06 -3.82 19.14
C GLY B 296 -10.88 -3.87 20.09
N ARG B 297 -9.71 -3.50 19.58
CA ARG B 297 -8.49 -3.51 20.37
C ARG B 297 -7.95 -2.10 20.54
N TYR B 298 -8.02 -1.61 21.77
CA TYR B 298 -7.61 -0.24 22.07
C TYR B 298 -6.47 -0.24 23.09
N GLY B 299 -5.35 0.37 22.70
CA GLY B 299 -4.17 0.39 23.54
C GLY B 299 -3.13 -0.59 23.06
N ALA B 300 -1.89 -0.41 23.49
CA ALA B 300 -0.79 -1.27 23.07
C ALA B 300 -1.00 -2.70 23.54
N ASN B 301 -1.42 -2.86 24.79
CA ASN B 301 -1.64 -4.19 25.36
C ASN B 301 -2.66 -5.01 24.58
N ALA B 302 -3.82 -4.41 24.31
CA ALA B 302 -4.90 -5.10 23.61
C ALA B 302 -4.44 -5.58 22.24
N ARG B 303 -3.65 -4.76 21.55
CA ARG B 303 -3.24 -5.07 20.19
C ARG B 303 -2.38 -6.33 20.10
N ILE B 304 -1.78 -6.74 21.22
CA ILE B 304 -0.92 -7.92 21.24
C ILE B 304 -1.50 -9.06 22.07
N THR B 305 -2.75 -8.92 22.49
CA THR B 305 -3.41 -9.95 23.29
C THR B 305 -4.27 -10.86 22.44
N PRO B 306 -3.78 -12.08 22.14
CA PRO B 306 -4.53 -13.05 21.33
C PRO B 306 -5.84 -13.44 21.99
N GLY B 307 -6.93 -13.42 21.23
CA GLY B 307 -8.23 -13.78 21.77
C GLY B 307 -9.36 -13.48 20.80
N MET B 308 -10.57 -13.31 21.36
CA MET B 308 -11.75 -12.98 20.56
C MET B 308 -12.36 -11.68 21.07
N VAL B 309 -12.21 -10.61 20.30
CA VAL B 309 -12.68 -9.30 20.71
C VAL B 309 -13.22 -8.51 19.51
N SER B 310 -13.16 -9.12 18.33
CA SER B 310 -13.59 -8.47 17.11
C SER B 310 -15.03 -7.96 17.19
N ASN B 311 -15.36 -7.02 16.32
CA ASN B 311 -16.67 -6.37 16.33
C ASN B 311 -17.10 -6.02 14.91
N ARG B 312 -18.41 -5.89 14.72
CA ARG B 312 -18.94 -5.58 13.39
C ARG B 312 -19.89 -4.38 13.46
N LEU B 313 -19.69 -3.41 12.57
CA LEU B 313 -20.50 -2.20 12.56
C LEU B 313 -20.92 -1.81 11.14
N PRO B 314 -22.12 -1.20 11.02
CA PRO B 314 -22.72 -0.86 9.72
C PRO B 314 -22.24 0.48 9.15
N LEU B 315 -22.14 0.54 7.83
CA LEU B 315 -21.81 1.78 7.12
C LEU B 315 -22.96 2.17 6.20
N ARG B 316 -23.72 3.18 6.59
CA ARG B 316 -24.76 3.70 5.73
C ARG B 316 -24.14 4.57 4.65
N LEU B 317 -24.32 4.17 3.40
CA LEU B 317 -23.71 4.86 2.27
C LEU B 317 -24.75 5.25 1.23
N ALA B 318 -24.84 6.53 0.95
CA ALA B 318 -25.76 7.03 -0.07
C ALA B 318 -25.06 7.12 -1.42
N VAL B 319 -25.53 6.34 -2.38
CA VAL B 319 -25.01 6.40 -3.74
C VAL B 319 -25.95 7.21 -4.63
N ARG B 320 -25.58 8.45 -4.91
CA ARG B 320 -26.47 9.38 -5.59
C ARG B 320 -26.25 9.42 -7.10
N PRO B 321 -27.33 9.73 -7.85
CA PRO B 321 -27.30 9.78 -9.32
C PRO B 321 -26.25 10.75 -9.85
N GLY B 322 -25.47 10.31 -10.82
CA GLY B 322 -24.48 11.17 -11.45
C GLY B 322 -23.12 11.20 -10.77
N GLU B 323 -23.07 10.68 -9.54
CA GLU B 323 -21.84 10.68 -8.77
C GLU B 323 -20.74 9.85 -9.42
N SER B 324 -19.48 10.25 -9.20
CA SER B 324 -18.34 9.49 -9.68
C SER B 324 -17.91 8.50 -8.60
N PHE B 325 -17.12 7.51 -9.00
CA PHE B 325 -16.63 6.51 -8.05
C PHE B 325 -15.78 7.16 -6.96
N ALA B 326 -15.11 8.26 -7.31
CA ALA B 326 -14.31 8.98 -6.35
C ALA B 326 -15.18 9.61 -5.26
N ARG B 327 -16.37 10.04 -5.65
CA ARG B 327 -17.33 10.59 -4.70
C ARG B 327 -17.79 9.53 -3.70
N VAL B 328 -18.01 8.33 -4.21
CA VAL B 328 -18.42 7.20 -3.36
C VAL B 328 -17.35 6.93 -2.31
N VAL B 329 -16.09 6.95 -2.73
CA VAL B 329 -14.98 6.73 -1.81
C VAL B 329 -14.97 7.77 -0.69
N GLU B 330 -15.23 9.02 -1.05
CA GLU B 330 -15.32 10.10 -0.06
C GLU B 330 -16.47 9.84 0.90
N THR B 331 -17.58 9.34 0.35
CA THR B 331 -18.76 9.03 1.15
C THR B 331 -18.45 7.92 2.16
N VAL B 332 -17.70 6.92 1.70
CA VAL B 332 -17.25 5.84 2.58
C VAL B 332 -16.40 6.38 3.72
N SER B 333 -15.45 7.25 3.38
CA SER B 333 -14.55 7.83 4.38
C SER B 333 -15.32 8.65 5.41
N GLU B 334 -16.26 9.47 4.96
CA GLU B 334 -17.07 10.28 5.86
C GLU B 334 -17.85 9.41 6.85
N ALA B 335 -18.39 8.31 6.35
CA ALA B 335 -19.13 7.38 7.20
C ALA B 335 -18.18 6.63 8.14
N MET B 336 -16.99 6.33 7.65
CA MET B 336 -16.00 5.59 8.42
C MET B 336 -15.48 6.37 9.62
N SER B 337 -15.26 7.67 9.43
CA SER B 337 -14.78 8.51 10.52
C SER B 337 -15.81 8.58 11.64
N GLY B 338 -17.08 8.49 11.28
CA GLY B 338 -18.16 8.49 12.25
C GLY B 338 -18.27 7.14 12.94
N LEU B 339 -17.96 6.08 12.20
CA LEU B 339 -18.00 4.73 12.75
C LEU B 339 -16.83 4.49 13.70
N LEU B 340 -15.67 5.06 13.37
CA LEU B 340 -14.48 4.92 14.20
C LEU B 340 -14.62 5.71 15.50
N ALA B 341 -15.33 6.82 15.43
CA ALA B 341 -15.54 7.67 16.60
C ALA B 341 -16.46 6.99 17.63
N HIS B 342 -17.24 6.01 17.17
CA HIS B 342 -18.14 5.28 18.05
C HIS B 342 -17.92 3.78 17.89
N SER B 343 -16.67 3.39 17.70
CA SER B 343 -16.32 1.99 17.39
C SER B 343 -16.53 1.03 18.56
N ARG B 344 -16.49 1.57 19.78
CA ARG B 344 -16.63 0.73 20.97
C ARG B 344 -17.98 0.01 21.04
N PHE B 345 -19.01 0.62 20.47
CA PHE B 345 -20.36 0.06 20.57
C PHE B 345 -20.53 -1.25 19.79
N ARG B 346 -21.05 -2.26 20.47
CA ARG B 346 -21.20 -3.59 19.91
C ARG B 346 -22.27 -3.67 18.83
N GLY B 347 -21.94 -4.31 17.71
CA GLY B 347 -22.87 -4.48 16.62
C GLY B 347 -24.05 -5.35 16.98
N GLU B 348 -23.86 -6.24 17.97
CA GLU B 348 -24.93 -7.11 18.43
C GLU B 348 -25.88 -6.37 19.35
N ASP B 349 -25.34 -5.40 20.09
CA ASP B 349 -26.14 -4.57 20.97
C ASP B 349 -27.01 -3.63 20.15
N LEU B 350 -26.52 -3.25 18.97
CA LEU B 350 -27.25 -2.39 18.07
C LEU B 350 -28.32 -3.17 17.31
N ASP B 351 -27.94 -4.35 16.82
CA ASP B 351 -28.84 -5.18 16.05
C ASP B 351 -30.07 -5.60 16.85
N ARG B 352 -29.85 -5.98 18.11
CA ARG B 352 -30.95 -6.44 18.95
C ARG B 352 -31.91 -5.31 19.30
N GLU B 353 -31.38 -4.10 19.41
CA GLU B 353 -32.19 -2.95 19.83
C GLU B 353 -32.96 -2.34 18.67
N LEU B 354 -32.41 -2.43 17.47
CA LEU B 354 -33.09 -1.93 16.28
C LEU B 354 -34.30 -2.79 15.94
N GLY B 355 -34.18 -4.09 16.18
CA GLY B 355 -35.24 -5.03 15.83
C GLY B 355 -35.43 -5.12 14.33
N GLY B 356 -36.48 -5.81 13.91
CA GLY B 356 -36.77 -5.97 12.49
C GLY B 356 -35.61 -6.59 11.74
N ALA B 357 -35.26 -6.00 10.60
CA ALA B 357 -34.15 -6.49 9.80
C ALA B 357 -32.80 -6.05 10.37
N GLY B 358 -32.85 -5.19 11.38
CA GLY B 358 -31.65 -4.68 12.02
C GLY B 358 -30.69 -4.05 11.04
N VAL B 359 -29.44 -4.47 11.09
CA VAL B 359 -28.42 -3.99 10.16
C VAL B 359 -28.44 -4.83 8.87
N SER B 360 -28.91 -4.22 7.79
CA SER B 360 -29.02 -4.91 6.51
C SER B 360 -27.71 -4.87 5.74
N GLY B 361 -27.68 -5.52 4.59
CA GLY B 361 -26.51 -5.51 3.73
C GLY B 361 -25.47 -6.56 4.08
N PRO B 362 -24.47 -6.71 3.22
CA PRO B 362 -23.40 -7.69 3.40
C PRO B 362 -22.26 -7.16 4.28
N THR B 363 -21.31 -8.03 4.60
CA THR B 363 -20.15 -7.65 5.39
C THR B 363 -18.91 -7.69 4.52
N VAL B 364 -18.16 -6.58 4.50
CA VAL B 364 -16.91 -6.51 3.76
C VAL B 364 -15.73 -6.58 4.71
N ASN B 365 -14.96 -7.66 4.62
CA ASN B 365 -13.79 -7.84 5.47
C ASN B 365 -12.49 -7.85 4.66
N VAL B 366 -11.85 -6.69 4.57
CA VAL B 366 -10.55 -6.60 3.91
C VAL B 366 -9.43 -6.78 4.92
N MET B 367 -8.90 -7.99 4.98
CA MET B 367 -7.88 -8.34 5.96
C MET B 367 -6.69 -7.39 5.90
N PRO B 368 -6.15 -7.01 7.06
CA PRO B 368 -4.94 -6.18 7.11
C PRO B 368 -3.74 -6.96 6.60
N TYR B 369 -2.69 -6.26 6.19
CA TYR B 369 -1.51 -6.92 5.65
C TYR B 369 -0.84 -7.82 6.69
N ILE B 370 -0.28 -8.92 6.21
CA ILE B 370 0.49 -9.82 7.06
C ILE B 370 1.73 -10.28 6.31
N ARG B 371 2.90 -10.02 6.91
CA ARG B 371 4.17 -10.39 6.28
C ARG B 371 4.24 -11.89 6.08
N PRO B 372 4.74 -12.33 4.92
CA PRO B 372 4.92 -13.77 4.67
C PRO B 372 5.59 -14.45 5.86
N VAL B 373 4.91 -15.44 6.43
CA VAL B 373 5.40 -16.14 7.60
C VAL B 373 6.69 -16.90 7.26
N ASP B 374 7.78 -16.53 7.92
CA ASP B 374 9.09 -17.11 7.65
C ASP B 374 9.43 -18.25 8.61
N PHE B 375 9.54 -19.46 8.07
CA PHE B 375 9.90 -20.63 8.87
C PHE B 375 11.38 -20.95 8.77
N GLY B 376 12.19 -19.96 8.41
CA GLY B 376 13.62 -20.15 8.25
C GLY B 376 13.91 -20.88 6.94
N GLY B 377 13.35 -20.37 5.85
CA GLY B 377 13.46 -21.00 4.55
C GLY B 377 12.11 -21.02 3.87
N PRO B 378 11.24 -21.96 4.28
CA PRO B 378 9.87 -22.03 3.77
C PRO B 378 9.09 -20.76 4.07
N VAL B 379 8.22 -20.36 3.15
CA VAL B 379 7.40 -19.16 3.35
C VAL B 379 5.92 -19.50 3.34
N GLY B 380 5.21 -19.05 4.37
CA GLY B 380 3.78 -19.32 4.48
C GLY B 380 2.93 -18.08 4.25
N LEU B 381 2.02 -18.18 3.29
CA LEU B 381 1.11 -17.08 2.99
C LEU B 381 -0.29 -17.47 3.46
N MET B 382 -0.90 -16.62 4.28
CA MET B 382 -2.20 -16.92 4.83
C MET B 382 -3.32 -16.71 3.82
N ARG B 383 -4.23 -17.69 3.75
CA ARG B 383 -5.47 -17.52 3.00
C ARG B 383 -6.62 -17.83 3.96
N SER B 384 -7.83 -17.41 3.60
CA SER B 384 -8.98 -17.60 4.48
C SER B 384 -9.76 -18.86 4.16
N ILE B 385 -10.20 -19.56 5.19
CA ILE B 385 -11.06 -20.73 5.03
C ILE B 385 -12.49 -20.37 5.40
N SER B 386 -12.64 -19.66 6.51
CA SER B 386 -13.96 -19.18 6.96
C SER B 386 -13.79 -18.16 8.06
N SER B 387 -14.05 -16.89 7.74
CA SER B 387 -13.92 -15.81 8.71
C SER B 387 -14.96 -15.91 9.81
N GLY B 388 -16.03 -16.66 9.56
CA GLY B 388 -17.09 -16.84 10.52
C GLY B 388 -18.45 -16.97 9.85
N PRO B 389 -19.52 -16.98 10.66
CA PRO B 389 -20.90 -17.08 10.16
C PRO B 389 -21.38 -15.77 9.53
N THR B 390 -22.32 -15.87 8.61
CA THR B 390 -22.83 -14.69 7.90
C THR B 390 -24.36 -14.67 7.85
N THR B 391 -24.93 -13.50 8.07
CA THR B 391 -26.38 -13.32 7.98
C THR B 391 -26.80 -13.18 6.52
N ASP B 392 -25.97 -12.50 5.74
CA ASP B 392 -26.23 -12.31 4.32
C ASP B 392 -25.08 -12.83 3.47
N LEU B 393 -24.08 -11.98 3.27
CA LEU B 393 -22.92 -12.35 2.47
C LEU B 393 -21.65 -11.75 3.05
N ASN B 394 -20.60 -12.55 3.15
CA ASN B 394 -19.30 -12.09 3.61
C ASN B 394 -18.29 -12.02 2.46
N ILE B 395 -17.80 -10.82 2.18
CA ILE B 395 -16.78 -10.63 1.16
C ILE B 395 -15.42 -10.41 1.82
N VAL B 396 -14.59 -11.45 1.81
CA VAL B 396 -13.29 -11.41 2.44
C VAL B 396 -12.16 -11.28 1.41
N LEU B 397 -11.28 -10.32 1.64
CA LEU B 397 -10.11 -10.15 0.78
C LEU B 397 -8.83 -10.45 1.55
N THR B 398 -7.95 -11.25 0.94
CA THR B 398 -6.66 -11.55 1.54
C THR B 398 -5.54 -11.13 0.59
N GLY B 399 -4.57 -10.38 1.11
CA GLY B 399 -3.45 -9.93 0.31
C GLY B 399 -3.45 -8.43 0.10
N THR B 400 -2.75 -7.98 -0.93
CA THR B 400 -2.65 -6.56 -1.24
C THR B 400 -2.71 -6.33 -2.75
N PRO B 401 -2.94 -5.07 -3.17
CA PRO B 401 -2.95 -4.73 -4.60
C PRO B 401 -1.64 -5.09 -5.30
N GLU B 402 -0.53 -5.00 -4.57
CA GLU B 402 0.78 -5.25 -5.16
C GLU B 402 1.13 -6.74 -5.21
N SER B 403 0.73 -7.48 -4.17
CA SER B 403 1.12 -8.89 -4.06
C SER B 403 0.07 -9.84 -4.62
N GLY B 404 -1.14 -9.34 -4.84
CA GLY B 404 -2.24 -10.17 -5.31
C GLY B 404 -3.33 -10.32 -4.27
N LEU B 405 -4.52 -10.72 -4.70
CA LEU B 405 -5.65 -10.79 -3.79
C LEU B 405 -6.38 -12.14 -3.83
N ARG B 406 -6.88 -12.54 -2.67
CA ARG B 406 -7.78 -13.69 -2.57
C ARG B 406 -9.16 -13.16 -2.22
N VAL B 407 -10.14 -13.43 -3.08
CA VAL B 407 -11.49 -12.93 -2.87
C VAL B 407 -12.46 -14.07 -2.53
N ASP B 408 -13.03 -14.01 -1.34
CA ASP B 408 -13.94 -15.06 -0.88
C ASP B 408 -15.37 -14.55 -0.70
N PHE B 409 -16.31 -15.29 -1.26
CA PHE B 409 -17.73 -14.99 -1.10
C PHE B 409 -18.38 -16.05 -0.22
N GLU B 410 -18.66 -15.68 1.04
CA GLU B 410 -19.27 -16.61 1.99
C GLU B 410 -20.77 -16.32 2.12
N GLY B 411 -21.59 -17.16 1.50
CA GLY B 411 -23.03 -16.98 1.54
C GLY B 411 -23.76 -18.22 1.99
N LEU B 421 -23.47 -17.81 -6.55
CA LEU B 421 -22.44 -16.94 -5.99
C LEU B 421 -21.30 -16.70 -6.97
N THR B 422 -20.96 -17.72 -7.74
CA THR B 422 -19.87 -17.62 -8.72
C THR B 422 -20.16 -16.54 -9.75
N VAL B 423 -21.40 -16.47 -10.22
CA VAL B 423 -21.80 -15.45 -11.18
C VAL B 423 -21.78 -14.07 -10.54
N LEU B 424 -22.25 -14.00 -9.29
CA LEU B 424 -22.25 -12.74 -8.55
C LEU B 424 -20.82 -12.24 -8.32
N GLN B 425 -19.93 -13.18 -8.01
CA GLN B 425 -18.55 -12.85 -7.68
C GLN B 425 -17.78 -12.33 -8.89
N GLU B 426 -17.99 -12.96 -10.04
CA GLU B 426 -17.30 -12.56 -11.26
C GLU B 426 -17.74 -11.18 -11.73
N ARG B 427 -19.02 -10.88 -11.56
CA ARG B 427 -19.56 -9.58 -11.91
C ARG B 427 -18.98 -8.48 -11.04
N PHE B 428 -18.84 -8.76 -9.75
CA PHE B 428 -18.30 -7.80 -8.80
C PHE B 428 -16.84 -7.47 -9.07
N VAL B 429 -16.02 -8.50 -9.23
CA VAL B 429 -14.60 -8.32 -9.47
C VAL B 429 -14.35 -7.50 -10.74
N ARG B 430 -15.05 -7.87 -11.82
CA ARG B 430 -14.93 -7.13 -13.07
C ARG B 430 -15.36 -5.67 -12.88
N PHE B 431 -16.49 -5.49 -12.19
CA PHE B 431 -17.04 -4.16 -11.97
C PHE B 431 -16.16 -3.32 -11.06
N LEU B 432 -15.56 -3.96 -10.06
CA LEU B 432 -14.66 -3.27 -9.14
C LEU B 432 -13.40 -2.81 -9.87
N ALA B 433 -12.84 -3.71 -10.68
CA ALA B 433 -11.63 -3.39 -11.45
C ALA B 433 -11.87 -2.22 -12.39
N GLU B 434 -13.02 -2.22 -13.06
CA GLU B 434 -13.36 -1.17 -14.02
C GLU B 434 -13.59 0.17 -13.33
N LEU B 435 -14.14 0.13 -12.12
CA LEU B 435 -14.34 1.34 -11.33
C LEU B 435 -12.99 1.92 -10.91
N ALA B 436 -12.12 1.07 -10.40
CA ALA B 436 -10.81 1.50 -9.92
C ALA B 436 -9.95 2.05 -11.06
N ALA B 437 -10.19 1.55 -12.26
CA ALA B 437 -9.42 1.95 -13.44
C ALA B 437 -9.59 3.44 -13.75
N ASP B 438 -10.77 3.97 -13.42
CA ASP B 438 -11.05 5.39 -13.65
C ASP B 438 -12.08 5.91 -12.64
N PRO B 439 -11.60 6.30 -11.45
CA PRO B 439 -12.43 6.81 -10.35
C PRO B 439 -13.27 8.02 -10.74
N ALA B 440 -12.89 8.71 -11.81
CA ALA B 440 -13.62 9.89 -12.25
C ALA B 440 -14.87 9.53 -13.05
N ALA B 441 -14.98 8.26 -13.43
CA ALA B 441 -16.13 7.79 -14.22
C ALA B 441 -17.40 7.79 -13.39
N THR B 442 -18.53 7.92 -14.06
CA THR B 442 -19.83 7.94 -13.39
C THR B 442 -20.29 6.52 -13.09
N VAL B 443 -20.54 6.24 -11.81
CA VAL B 443 -20.94 4.90 -11.38
C VAL B 443 -22.14 4.38 -12.16
N ASP B 444 -23.16 5.24 -12.33
CA ASP B 444 -24.39 4.84 -13.00
C ASP B 444 -24.18 4.52 -14.48
N GLU B 445 -23.03 4.92 -15.02
CA GLU B 445 -22.78 4.77 -16.45
C GLU B 445 -21.87 3.58 -16.79
N VAL B 446 -21.24 3.01 -15.77
CA VAL B 446 -20.36 1.86 -15.99
C VAL B 446 -21.16 0.60 -16.28
N ALA B 447 -20.86 -0.03 -17.41
CA ALA B 447 -21.56 -1.23 -17.83
C ALA B 447 -21.50 -2.33 -16.77
N LEU B 448 -22.58 -3.07 -16.62
CA LEU B 448 -22.68 -4.14 -15.62
C LEU B 448 -23.89 -5.02 -15.89
N LEU B 449 -23.68 -6.34 -15.85
CA LEU B 449 -24.76 -7.29 -16.08
C LEU B 449 -25.60 -7.51 -14.82
#